data_4OK7
#
_entry.id   4OK7
#
_cell.length_a   54.616
_cell.length_b   120.597
_cell.length_c   126.474
_cell.angle_alpha   90.000
_cell.angle_beta   90.000
_cell.angle_gamma   90.000
#
_symmetry.space_group_name_H-M   'P 21 21 21'
#
loop_
_entity.id
_entity.type
_entity.pdbx_description
1 polymer Endolysin
2 non-polymer 'SULFATE ION'
3 non-polymer GLYCEROL
4 water water
#
_entity_poly.entity_id   1
_entity_poly.type   'polypeptide(L)'
_entity_poly.pdbx_seq_one_letter_code
;HHHSSGENLYFQGHMMDINQFRRASGINEQLAARWFPHITTAMNEFGITKPDDQAMFIAQVGHESGGFTRLQENFNYSVN
GLSGFIRAGRITPDQANALGRKTYEKSLPLERQRAIANLVYSKRMGNNGPGDGWNYRGRGLIQITGLNNYRDCGNGLKVD
LVAQPELLAQDEYAARSAAWFFSSKGCMKYTGDLVRVTQIINGGQNGIDDRRTRYAAARKVLA
;
_entity_poly.pdbx_strand_id   A,B,C
#
# COMPACT_ATOMS: atom_id res chain seq x y z
N HIS A 1 5.19 -7.76 33.01
CA HIS A 1 5.60 -6.74 32.00
C HIS A 1 4.62 -6.73 30.81
N HIS A 2 3.68 -7.67 30.83
CA HIS A 2 2.67 -7.81 29.78
C HIS A 2 3.31 -7.84 28.39
N HIS A 3 4.37 -8.63 28.26
CA HIS A 3 5.09 -8.77 27.01
C HIS A 3 4.67 -10.02 26.25
N SER A 4 4.31 -9.84 24.98
CA SER A 4 3.94 -10.96 24.12
C SER A 4 5.02 -11.04 23.03
N SER A 5 5.31 -12.25 22.56
CA SER A 5 6.31 -12.41 21.49
C SER A 5 5.94 -11.55 20.29
N GLY A 6 6.94 -11.01 19.61
CA GLY A 6 6.68 -10.14 18.47
C GLY A 6 6.50 -10.88 17.16
N GLU A 7 5.72 -10.29 16.25
CA GLU A 7 5.48 -10.90 14.94
C GLU A 7 4.80 -9.91 13.99
N ASN A 8 4.90 -10.17 12.69
CA ASN A 8 4.27 -9.29 11.71
C ASN A 8 2.82 -9.72 11.50
N LEU A 9 1.94 -8.74 11.35
CA LEU A 9 0.52 -8.99 11.13
C LEU A 9 0.32 -9.63 9.75
N TYR A 10 1.06 -9.11 8.76
CA TYR A 10 1.00 -9.62 7.39
C TYR A 10 2.39 -9.94 6.85
N PHE A 11 2.42 -10.92 5.95
CA PHE A 11 3.65 -11.37 5.31
C PHE A 11 4.08 -10.37 4.24
N GLN A 12 5.28 -9.81 4.42
CA GLN A 12 5.85 -8.83 3.50
C GLN A 12 4.91 -7.63 3.29
N GLY A 13 5.11 -6.90 2.19
CA GLY A 13 4.28 -5.75 1.91
C GLY A 13 4.63 -4.58 2.83
N HIS A 14 5.79 -4.67 3.48
CA HIS A 14 6.24 -3.64 4.40
C HIS A 14 7.04 -2.53 3.73
N MET A 15 6.33 -1.57 3.16
CA MET A 15 6.97 -0.45 2.48
C MET A 15 6.45 0.88 3.01
N MET A 16 7.16 1.95 2.68
CA MET A 16 6.79 3.30 3.07
C MET A 16 5.31 3.51 2.72
N ASP A 17 4.54 4.12 3.62
CA ASP A 17 3.12 4.35 3.29
C ASP A 17 2.94 5.75 2.70
N ILE A 18 1.78 5.97 2.09
CA ILE A 18 1.45 7.24 1.46
C ILE A 18 1.69 8.46 2.37
N ASN A 19 1.37 8.33 3.65
CA ASN A 19 1.56 9.42 4.60
C ASN A 19 3.03 9.76 4.81
N GLN A 20 3.85 8.73 5.00
CA GLN A 20 5.27 8.93 5.20
C GLN A 20 5.83 9.61 3.96
N PHE A 21 5.38 9.17 2.79
CA PHE A 21 5.85 9.72 1.53
C PHE A 21 5.44 11.18 1.36
N ARG A 22 4.16 11.47 1.58
CA ARG A 22 3.67 12.83 1.45
C ARG A 22 4.45 13.74 2.40
N ARG A 23 4.62 13.27 3.63
CA ARG A 23 5.33 14.03 4.67
C ARG A 23 6.80 14.27 4.34
N ALA A 24 7.48 13.23 3.87
CA ALA A 24 8.90 13.35 3.55
C ALA A 24 9.19 14.21 2.33
N SER A 25 8.29 14.16 1.36
CA SER A 25 8.46 14.92 0.11
C SER A 25 7.99 16.36 0.22
N GLY A 26 7.11 16.63 1.17
CA GLY A 26 6.59 17.98 1.38
C GLY A 26 5.65 18.47 0.30
N ILE A 27 4.89 17.57 -0.30
CA ILE A 27 3.93 17.95 -1.34
C ILE A 27 2.51 17.78 -0.81
N ASN A 28 1.52 18.28 -1.53
CA ASN A 28 0.14 18.15 -1.08
C ASN A 28 -0.38 16.74 -1.32
N GLU A 29 -1.55 16.42 -0.77
CA GLU A 29 -2.13 15.10 -0.90
C GLU A 29 -2.37 14.68 -2.35
N GLN A 30 -2.77 15.63 -3.19
CA GLN A 30 -3.04 15.33 -4.59
C GLN A 30 -1.78 14.82 -5.29
N LEU A 31 -0.68 15.55 -5.17
CA LEU A 31 0.58 15.13 -5.79
C LEU A 31 1.10 13.84 -5.16
N ALA A 32 0.88 13.70 -3.85
CA ALA A 32 1.32 12.52 -3.12
C ALA A 32 0.65 11.26 -3.64
N ALA A 33 -0.66 11.36 -3.89
CA ALA A 33 -1.43 10.23 -4.39
C ALA A 33 -0.99 9.91 -5.82
N ARG A 34 -0.70 10.96 -6.59
CA ARG A 34 -0.25 10.78 -7.97
C ARG A 34 1.09 10.06 -8.06
N TRP A 35 2.05 10.51 -7.29
CA TRP A 35 3.40 9.95 -7.32
C TRP A 35 3.72 8.73 -6.46
N PHE A 36 2.97 8.53 -5.38
CA PHE A 36 3.22 7.41 -4.46
C PHE A 36 3.53 6.04 -5.07
N PRO A 37 2.65 5.52 -5.93
CA PRO A 37 2.93 4.19 -6.52
C PRO A 37 4.21 4.15 -7.35
N HIS A 38 4.42 5.18 -8.17
CA HIS A 38 5.59 5.24 -9.04
C HIS A 38 6.91 5.38 -8.27
N ILE A 39 6.94 6.23 -7.26
CA ILE A 39 8.15 6.38 -6.46
C ILE A 39 8.45 5.09 -5.68
N THR A 40 7.43 4.53 -5.03
CA THR A 40 7.67 3.31 -4.25
C THR A 40 8.02 2.11 -5.13
N THR A 41 7.34 1.98 -6.27
CA THR A 41 7.64 0.86 -7.18
C THR A 41 9.08 0.98 -7.68
N ALA A 42 9.49 2.21 -8.01
CA ALA A 42 10.85 2.45 -8.48
C ALA A 42 11.89 2.16 -7.40
N MET A 43 11.63 2.64 -6.18
CA MET A 43 12.55 2.39 -5.06
C MET A 43 12.64 0.89 -4.76
N ASN A 44 11.52 0.18 -4.87
CA ASN A 44 11.54 -1.26 -4.60
C ASN A 44 12.30 -2.02 -5.69
N GLU A 45 12.15 -1.60 -6.94
CA GLU A 45 12.84 -2.27 -8.04
C GLU A 45 14.37 -2.18 -7.92
N PHE A 46 14.87 -1.04 -7.45
CA PHE A 46 16.33 -0.84 -7.34
C PHE A 46 16.93 -0.95 -5.94
N GLY A 47 16.15 -1.45 -4.98
CA GLY A 47 16.67 -1.62 -3.63
C GLY A 47 16.95 -0.35 -2.85
N ILE A 48 16.23 0.73 -3.12
CA ILE A 48 16.42 1.95 -2.35
C ILE A 48 15.55 1.70 -1.12
N THR A 49 16.16 1.10 -0.10
CA THR A 49 15.45 0.71 1.11
C THR A 49 15.87 1.36 2.42
N LYS A 50 17.15 1.66 2.59
CA LYS A 50 17.61 2.28 3.82
C LYS A 50 16.95 3.65 3.99
N PRO A 51 16.47 3.96 5.20
CA PRO A 51 15.82 5.25 5.46
C PRO A 51 16.59 6.46 4.92
N ASP A 52 17.88 6.54 5.22
CA ASP A 52 18.67 7.68 4.73
C ASP A 52 18.78 7.69 3.21
N ASP A 53 18.84 6.52 2.58
CA ASP A 53 18.91 6.47 1.13
C ASP A 53 17.59 6.95 0.54
N GLN A 54 16.48 6.47 1.09
CA GLN A 54 15.15 6.86 0.61
C GLN A 54 14.94 8.36 0.79
N ALA A 55 15.41 8.89 1.93
CA ALA A 55 15.27 10.31 2.21
C ALA A 55 16.04 11.12 1.18
N MET A 56 17.28 10.71 0.90
CA MET A 56 18.10 11.42 -0.06
C MET A 56 17.47 11.34 -1.46
N PHE A 57 17.00 10.15 -1.84
CA PHE A 57 16.38 9.98 -3.15
C PHE A 57 15.18 10.93 -3.28
N ILE A 58 14.29 10.88 -2.30
CA ILE A 58 13.11 11.73 -2.32
C ILE A 58 13.46 13.22 -2.36
N ALA A 59 14.44 13.64 -1.58
CA ALA A 59 14.84 15.05 -1.56
C ALA A 59 15.46 15.48 -2.88
N GLN A 60 16.40 14.69 -3.40
CA GLN A 60 17.07 15.02 -4.66
C GLN A 60 16.08 15.07 -5.83
N VAL A 61 15.22 14.07 -5.91
CA VAL A 61 14.22 14.03 -6.98
C VAL A 61 13.26 15.21 -6.75
N GLY A 62 12.95 15.48 -5.49
CA GLY A 62 12.06 16.58 -5.18
C GLY A 62 12.64 17.89 -5.69
N HIS A 63 13.95 18.06 -5.53
CA HIS A 63 14.60 19.28 -6.00
C HIS A 63 14.66 19.35 -7.52
N GLU A 64 15.10 18.27 -8.15
CA GLU A 64 15.23 18.23 -9.60
C GLU A 64 13.93 18.41 -10.37
N SER A 65 12.82 17.97 -9.79
CA SER A 65 11.52 18.05 -10.47
C SER A 65 10.65 19.22 -10.06
N GLY A 66 11.22 20.16 -9.32
CA GLY A 66 10.45 21.32 -8.89
C GLY A 66 9.27 20.92 -8.02
N GLY A 67 9.52 20.05 -7.06
CA GLY A 67 8.47 19.62 -6.16
C GLY A 67 7.55 18.59 -6.80
N PHE A 68 8.11 17.73 -7.63
CA PHE A 68 7.35 16.68 -8.30
C PHE A 68 6.31 17.23 -9.28
N THR A 69 6.62 18.36 -9.92
CA THR A 69 5.68 18.97 -10.86
C THR A 69 6.15 19.10 -12.30
N ARG A 70 7.46 18.98 -12.54
CA ARG A 70 8.00 19.12 -13.89
C ARG A 70 8.77 17.87 -14.32
N LEU A 71 8.49 17.38 -15.53
CA LEU A 71 9.14 16.18 -16.05
C LEU A 71 9.89 16.40 -17.36
N GLN A 72 9.92 17.64 -17.85
CA GLN A 72 10.65 17.90 -19.08
C GLN A 72 10.92 19.38 -19.28
N GLU A 73 11.95 19.68 -20.05
CA GLU A 73 12.31 21.06 -20.32
C GLU A 73 11.54 21.56 -21.54
N ASN A 74 11.39 22.88 -21.64
CA ASN A 74 10.72 23.47 -22.79
C ASN A 74 11.71 24.44 -23.40
N PHE A 75 11.51 24.80 -24.66
CA PHE A 75 12.41 25.71 -25.33
C PHE A 75 11.72 27.01 -25.73
N ASN A 76 10.85 27.48 -24.84
CA ASN A 76 10.12 28.73 -25.04
C ASN A 76 11.06 29.86 -24.64
N TYR A 77 12.11 30.03 -25.44
CA TYR A 77 13.13 31.05 -25.19
C TYR A 77 12.93 32.29 -26.06
N SER A 78 13.15 33.46 -25.48
CA SER A 78 13.05 34.71 -26.23
C SER A 78 14.45 34.89 -26.81
N VAL A 79 14.63 35.85 -27.70
CA VAL A 79 15.94 36.11 -28.29
C VAL A 79 17.02 36.28 -27.23
N ASN A 80 16.74 37.11 -26.23
CA ASN A 80 17.69 37.37 -25.15
C ASN A 80 17.94 36.11 -24.32
N GLY A 81 16.88 35.35 -24.07
CA GLY A 81 17.00 34.13 -23.29
C GLY A 81 18.01 33.15 -23.84
N LEU A 82 18.24 33.20 -25.15
CA LEU A 82 19.20 32.30 -25.80
C LEU A 82 20.62 32.80 -25.62
N SER A 83 20.78 33.80 -24.76
CA SER A 83 22.08 34.38 -24.48
C SER A 83 23.10 33.30 -24.09
N GLY A 84 22.73 32.50 -23.09
CA GLY A 84 23.62 31.45 -22.63
C GLY A 84 24.05 30.50 -23.73
N PHE A 85 23.10 29.99 -24.49
CA PHE A 85 23.39 29.06 -25.57
C PHE A 85 24.34 29.66 -26.62
N ILE A 86 24.17 30.94 -26.92
CA ILE A 86 25.03 31.61 -27.89
C ILE A 86 26.45 31.76 -27.34
N ARG A 87 26.56 32.20 -26.09
CA ARG A 87 27.86 32.37 -25.46
C ARG A 87 28.60 31.04 -25.43
N ALA A 88 27.85 29.94 -25.31
CA ALA A 88 28.42 28.60 -25.27
C ALA A 88 28.58 28.03 -26.68
N GLY A 89 28.36 28.88 -27.68
CA GLY A 89 28.51 28.44 -29.07
C GLY A 89 27.55 27.34 -29.47
N ARG A 90 26.40 27.27 -28.81
CA ARG A 90 25.41 26.25 -29.12
C ARG A 90 24.54 26.69 -30.29
N ILE A 91 24.35 28.01 -30.42
CA ILE A 91 23.54 28.58 -31.49
C ILE A 91 24.10 29.94 -31.90
N THR A 92 23.95 30.31 -33.16
CA THR A 92 24.47 31.58 -33.65
C THR A 92 23.46 32.71 -33.47
N PRO A 93 23.94 33.96 -33.40
CA PRO A 93 23.10 35.15 -33.23
C PRO A 93 21.91 35.19 -34.18
N ASP A 94 22.17 35.05 -35.48
CA ASP A 94 21.10 35.07 -36.48
C ASP A 94 20.05 34.01 -36.20
N GLN A 95 20.48 32.78 -35.95
CA GLN A 95 19.55 31.69 -35.67
C GLN A 95 18.70 32.05 -34.46
N ALA A 96 19.31 32.65 -33.45
CA ALA A 96 18.60 33.03 -32.24
C ALA A 96 17.63 34.17 -32.52
N ASN A 97 18.02 35.10 -33.39
CA ASN A 97 17.17 36.24 -33.74
C ASN A 97 15.97 35.76 -34.52
N ALA A 98 16.18 34.81 -35.42
CA ALA A 98 15.11 34.28 -36.26
C ALA A 98 14.16 33.33 -35.52
N LEU A 99 14.70 32.51 -34.62
CA LEU A 99 13.88 31.56 -33.89
C LEU A 99 13.38 32.06 -32.54
N GLY A 100 14.23 32.79 -31.82
CA GLY A 100 13.83 33.30 -30.52
C GLY A 100 12.46 33.93 -30.46
N ARG A 101 11.85 33.92 -29.28
CA ARG A 101 10.53 34.50 -29.10
C ARG A 101 10.60 36.02 -29.22
N LYS A 102 9.71 36.59 -30.04
CA LYS A 102 9.69 38.04 -30.24
C LYS A 102 8.75 38.72 -29.25
N THR A 103 8.85 40.05 -29.17
CA THR A 103 8.01 40.84 -28.27
C THR A 103 6.52 40.70 -28.55
N TYR A 104 6.16 40.52 -29.83
CA TYR A 104 4.76 40.40 -30.21
C TYR A 104 4.24 38.98 -30.09
N GLU A 105 5.05 38.07 -29.53
CA GLU A 105 4.65 36.69 -29.36
C GLU A 105 4.44 36.31 -27.90
N LYS A 106 3.30 35.67 -27.62
CA LYS A 106 2.97 35.25 -26.25
C LYS A 106 3.84 34.07 -25.84
N SER A 107 3.96 33.09 -26.73
CA SER A 107 4.77 31.90 -26.48
C SER A 107 5.29 31.38 -27.81
N LEU A 108 6.31 30.53 -27.76
CA LEU A 108 6.89 29.97 -28.98
C LEU A 108 6.18 28.70 -29.41
N PRO A 109 5.66 28.67 -30.64
CA PRO A 109 4.97 27.48 -31.13
C PRO A 109 5.96 26.33 -31.25
N LEU A 110 5.50 25.11 -30.99
CA LEU A 110 6.35 23.93 -31.04
C LEU A 110 7.35 23.93 -32.19
N GLU A 111 6.93 24.39 -33.36
CA GLU A 111 7.82 24.42 -34.52
C GLU A 111 9.08 25.21 -34.21
N ARG A 112 8.92 26.32 -33.51
CA ARG A 112 10.03 27.18 -33.15
C ARG A 112 10.90 26.49 -32.10
N GLN A 113 10.25 25.97 -31.05
CA GLN A 113 10.97 25.29 -29.98
C GLN A 113 11.78 24.11 -30.52
N ARG A 114 11.17 23.32 -31.39
CA ARG A 114 11.85 22.17 -31.97
C ARG A 114 13.13 22.62 -32.67
N ALA A 115 13.02 23.69 -33.46
CA ALA A 115 14.16 24.22 -34.20
C ALA A 115 15.28 24.63 -33.26
N ILE A 116 14.95 25.32 -32.18
CA ILE A 116 15.97 25.74 -31.23
C ILE A 116 16.65 24.51 -30.64
N ALA A 117 15.85 23.57 -30.15
CA ALA A 117 16.38 22.36 -29.55
C ALA A 117 17.25 21.57 -30.54
N ASN A 118 16.75 21.39 -31.75
CA ASN A 118 17.52 20.65 -32.75
C ASN A 118 18.84 21.34 -33.05
N LEU A 119 18.87 22.64 -32.80
CA LEU A 119 20.08 23.41 -33.05
C LEU A 119 21.03 23.32 -31.84
N VAL A 120 20.50 23.63 -30.66
CA VAL A 120 21.28 23.61 -29.43
C VAL A 120 21.91 22.26 -29.08
N TYR A 121 21.18 21.17 -29.31
CA TYR A 121 21.69 19.84 -29.01
C TYR A 121 22.16 19.11 -30.25
N SER A 122 22.42 19.89 -31.31
CA SER A 122 22.86 19.30 -32.57
C SER A 122 24.18 18.55 -32.42
N LYS A 123 24.20 17.31 -32.88
CA LYS A 123 25.39 16.48 -32.84
C LYS A 123 26.07 16.46 -31.47
N ARG A 124 25.27 16.46 -30.41
CA ARG A 124 25.81 16.42 -29.06
C ARG A 124 25.19 15.22 -28.35
N MET A 125 25.95 14.66 -27.41
CA MET A 125 25.49 13.51 -26.63
C MET A 125 24.90 12.40 -27.48
N GLY A 126 25.54 12.11 -28.61
CA GLY A 126 25.08 11.05 -29.48
C GLY A 126 24.05 11.40 -30.53
N ASN A 127 23.44 12.59 -30.44
CA ASN A 127 22.44 12.96 -31.42
C ASN A 127 23.08 12.99 -32.81
N ASN A 128 22.48 12.25 -33.74
CA ASN A 128 22.99 12.18 -35.10
C ASN A 128 21.83 12.06 -36.07
N GLY A 129 20.77 12.81 -35.80
CA GLY A 129 19.58 12.80 -36.64
C GLY A 129 18.97 14.19 -36.67
N PRO A 130 18.26 14.56 -37.75
CA PRO A 130 17.61 15.86 -37.93
C PRO A 130 16.85 16.41 -36.71
N GLY A 131 15.93 15.62 -36.17
CA GLY A 131 15.16 16.07 -35.04
C GLY A 131 15.57 15.49 -33.71
N ASP A 132 16.76 14.89 -33.63
CA ASP A 132 17.25 14.30 -32.40
C ASP A 132 17.36 15.31 -31.25
N GLY A 133 17.80 16.51 -31.56
CA GLY A 133 17.93 17.53 -30.53
C GLY A 133 16.67 17.68 -29.72
N TRP A 134 15.55 17.86 -30.42
CA TRP A 134 14.26 18.03 -29.76
C TRP A 134 13.69 16.71 -29.24
N ASN A 135 13.79 15.65 -30.04
CA ASN A 135 13.25 14.36 -29.63
C ASN A 135 13.88 13.78 -28.38
N TYR A 136 15.14 14.10 -28.15
CA TYR A 136 15.84 13.60 -26.96
C TYR A 136 16.14 14.74 -25.98
N ARG A 137 15.27 15.75 -25.96
CA ARG A 137 15.45 16.85 -25.03
C ARG A 137 15.32 16.28 -23.61
N GLY A 138 15.64 17.09 -22.61
CA GLY A 138 15.58 16.63 -21.23
C GLY A 138 14.22 16.21 -20.72
N ARG A 139 14.14 15.00 -20.17
CA ARG A 139 12.91 14.46 -19.60
C ARG A 139 13.24 13.64 -18.36
N GLY A 140 12.23 13.44 -17.50
CA GLY A 140 12.40 12.66 -16.29
C GLY A 140 12.34 13.47 -15.00
N LEU A 141 12.38 12.80 -13.86
CA LEU A 141 12.40 13.50 -12.57
C LEU A 141 13.80 14.07 -12.52
N ILE A 142 14.80 13.20 -12.74
CA ILE A 142 16.20 13.62 -12.84
C ILE A 142 16.35 13.66 -14.36
N GLN A 143 16.66 14.85 -14.90
CA GLN A 143 16.75 15.05 -16.34
C GLN A 143 17.75 14.21 -17.14
N ILE A 144 17.23 13.53 -18.16
CA ILE A 144 18.01 12.69 -19.06
C ILE A 144 17.97 13.38 -20.41
N THR A 145 19.14 13.57 -21.03
CA THR A 145 19.21 14.27 -22.31
C THR A 145 20.14 13.64 -23.34
N GLY A 146 19.70 13.64 -24.60
CA GLY A 146 20.54 13.11 -25.67
C GLY A 146 20.39 11.64 -25.95
N LEU A 147 20.51 11.27 -27.23
CA LEU A 147 20.38 9.89 -27.67
C LEU A 147 21.18 8.90 -26.83
N ASN A 148 22.47 9.22 -26.60
CA ASN A 148 23.34 8.34 -25.83
C ASN A 148 22.81 8.00 -24.45
N ASN A 149 22.21 8.99 -23.80
CA ASN A 149 21.72 8.79 -22.46
C ASN A 149 20.37 8.14 -22.39
N TYR A 150 19.53 8.39 -23.40
CA TYR A 150 18.24 7.72 -23.42
C TYR A 150 18.58 6.26 -23.70
N ARG A 151 19.64 6.03 -24.48
CA ARG A 151 20.06 4.67 -24.81
C ARG A 151 20.57 3.93 -23.57
N ASP A 152 21.45 4.56 -22.80
CA ASP A 152 21.98 3.92 -21.60
C ASP A 152 20.87 3.71 -20.58
N CYS A 153 20.03 4.72 -20.40
CA CYS A 153 18.93 4.62 -19.45
C CYS A 153 17.99 3.49 -19.88
N GLY A 154 17.76 3.39 -21.19
CA GLY A 154 16.89 2.36 -21.72
C GLY A 154 17.41 0.97 -21.43
N ASN A 155 18.72 0.79 -21.57
CA ASN A 155 19.32 -0.52 -21.28
C ASN A 155 19.20 -0.78 -19.78
N GLY A 156 19.22 0.29 -19.00
CA GLY A 156 19.12 0.15 -17.55
C GLY A 156 17.74 -0.26 -17.07
N LEU A 157 16.71 0.11 -17.83
CA LEU A 157 15.33 -0.21 -17.46
C LEU A 157 14.73 -1.29 -18.33
N LYS A 158 15.44 -1.65 -19.39
CA LYS A 158 14.97 -2.62 -20.37
C LYS A 158 13.72 -2.02 -21.05
N VAL A 159 13.85 -0.75 -21.41
CA VAL A 159 12.79 -0.01 -22.09
C VAL A 159 13.45 0.65 -23.29
N ASP A 160 12.80 0.55 -24.45
CA ASP A 160 13.36 1.14 -25.68
C ASP A 160 13.10 2.65 -25.72
N LEU A 161 13.90 3.39 -24.96
CA LEU A 161 13.75 4.84 -24.90
C LEU A 161 14.29 5.53 -26.14
N VAL A 162 15.10 4.82 -26.92
CA VAL A 162 15.63 5.39 -28.15
C VAL A 162 14.45 5.52 -29.12
N ALA A 163 13.58 4.52 -29.14
CA ALA A 163 12.42 4.56 -30.03
C ALA A 163 11.29 5.38 -29.42
N GLN A 164 11.12 5.29 -28.10
CA GLN A 164 10.06 6.02 -27.41
C GLN A 164 10.60 6.90 -26.29
N PRO A 165 11.39 7.93 -26.63
CA PRO A 165 11.93 8.80 -25.59
C PRO A 165 10.86 9.49 -24.76
N GLU A 166 9.68 9.68 -25.33
CA GLU A 166 8.59 10.36 -24.62
C GLU A 166 8.11 9.63 -23.37
N LEU A 167 8.46 8.35 -23.24
CA LEU A 167 8.05 7.58 -22.07
C LEU A 167 8.60 8.18 -20.77
N LEU A 168 9.73 8.87 -20.86
CA LEU A 168 10.34 9.48 -19.67
C LEU A 168 9.54 10.68 -19.15
N ALA A 169 8.54 11.10 -19.91
CA ALA A 169 7.68 12.21 -19.49
C ALA A 169 6.45 11.63 -18.80
N GLN A 170 6.39 10.30 -18.75
CA GLN A 170 5.29 9.59 -18.09
C GLN A 170 5.74 9.23 -16.68
N ASP A 171 4.86 9.42 -15.70
CA ASP A 171 5.19 9.17 -14.31
C ASP A 171 5.95 7.88 -13.97
N GLU A 172 5.42 6.73 -14.38
CA GLU A 172 6.08 5.46 -14.07
C GLU A 172 7.56 5.39 -14.52
N TYR A 173 7.81 5.71 -15.78
CA TYR A 173 9.16 5.66 -16.34
C TYR A 173 10.05 6.79 -15.81
N ALA A 174 9.44 7.93 -15.52
CA ALA A 174 10.20 9.04 -14.98
C ALA A 174 10.74 8.60 -13.61
N ALA A 175 9.89 7.90 -12.85
CA ALA A 175 10.29 7.42 -11.53
C ALA A 175 11.35 6.32 -11.63
N ARG A 176 11.14 5.36 -12.51
CA ARG A 176 12.11 4.28 -12.65
C ARG A 176 13.47 4.79 -13.13
N SER A 177 13.47 5.71 -14.09
CA SER A 177 14.74 6.21 -14.59
C SER A 177 15.50 6.94 -13.48
N ALA A 178 14.77 7.64 -12.62
CA ALA A 178 15.41 8.35 -11.52
C ALA A 178 16.04 7.37 -10.52
N ALA A 179 15.34 6.28 -10.23
CA ALA A 179 15.84 5.30 -9.28
C ALA A 179 17.06 4.60 -9.89
N TRP A 180 16.98 4.29 -11.18
CA TRP A 180 18.09 3.66 -11.87
C TRP A 180 19.31 4.59 -11.84
N PHE A 181 19.07 5.87 -12.07
CA PHE A 181 20.17 6.86 -12.07
C PHE A 181 20.83 6.88 -10.69
N PHE A 182 20.00 7.04 -9.66
CA PHE A 182 20.43 7.11 -8.28
C PHE A 182 21.25 5.88 -7.89
N SER A 183 20.78 4.70 -8.26
CA SER A 183 21.49 3.47 -7.94
C SER A 183 22.73 3.25 -8.80
N SER A 184 22.53 3.31 -10.12
CA SER A 184 23.63 3.08 -11.07
C SER A 184 24.79 4.02 -10.85
N LYS A 185 24.50 5.31 -10.65
CA LYS A 185 25.55 6.30 -10.46
C LYS A 185 26.25 6.27 -9.10
N GLY A 186 25.83 5.35 -8.23
CA GLY A 186 26.48 5.18 -6.95
C GLY A 186 26.07 6.05 -5.77
N CYS A 187 24.89 6.65 -5.82
CA CYS A 187 24.45 7.50 -4.72
C CYS A 187 24.27 6.75 -3.39
N MET A 188 23.95 5.46 -3.45
CA MET A 188 23.78 4.69 -2.22
C MET A 188 25.13 4.28 -1.61
N LYS A 189 26.21 4.58 -2.31
CA LYS A 189 27.53 4.26 -1.79
C LYS A 189 27.96 5.39 -0.86
N TYR A 190 27.24 6.50 -0.90
CA TYR A 190 27.57 7.67 -0.09
C TYR A 190 26.39 8.17 0.73
N THR A 191 25.70 7.24 1.38
CA THR A 191 24.54 7.54 2.20
C THR A 191 24.82 8.68 3.19
N GLY A 192 23.92 9.65 3.24
CA GLY A 192 24.07 10.78 4.15
C GLY A 192 25.02 11.89 3.69
N ASP A 193 25.76 11.65 2.63
CA ASP A 193 26.71 12.63 2.12
C ASP A 193 26.03 13.54 1.08
N LEU A 194 25.34 14.58 1.56
CA LEU A 194 24.64 15.53 0.71
C LEU A 194 25.46 16.13 -0.43
N VAL A 195 26.65 16.63 -0.10
CA VAL A 195 27.48 17.25 -1.12
C VAL A 195 27.95 16.30 -2.21
N ARG A 196 28.32 15.08 -1.83
CA ARG A 196 28.78 14.14 -2.84
C ARG A 196 27.64 13.61 -3.70
N VAL A 197 26.49 13.32 -3.10
CA VAL A 197 25.36 12.82 -3.88
C VAL A 197 24.91 13.94 -4.83
N THR A 198 24.95 15.18 -4.35
CA THR A 198 24.56 16.32 -5.18
C THR A 198 25.50 16.47 -6.38
N GLN A 199 26.80 16.30 -6.14
CA GLN A 199 27.77 16.43 -7.23
C GLN A 199 27.50 15.34 -8.27
N ILE A 200 27.18 14.13 -7.80
CA ILE A 200 26.90 13.02 -8.70
C ILE A 200 25.68 13.29 -9.57
N ILE A 201 24.63 13.82 -8.97
CA ILE A 201 23.38 14.10 -9.68
C ILE A 201 23.42 15.37 -10.54
N ASN A 202 23.96 16.45 -9.99
CA ASN A 202 23.99 17.74 -10.69
C ASN A 202 25.25 18.06 -11.47
N GLY A 203 26.35 17.39 -11.16
CA GLY A 203 27.59 17.69 -11.85
C GLY A 203 28.07 19.04 -11.36
N GLY A 204 27.70 19.36 -10.12
CA GLY A 204 28.07 20.62 -9.51
C GLY A 204 27.36 20.70 -8.18
N GLN A 205 27.27 21.91 -7.61
CA GLN A 205 26.60 22.07 -6.32
C GLN A 205 25.41 23.02 -6.42
N ASN A 206 24.84 23.13 -7.62
CA ASN A 206 23.69 24.01 -7.83
C ASN A 206 22.50 23.60 -6.97
N GLY A 207 21.87 24.60 -6.34
CA GLY A 207 20.71 24.36 -5.50
C GLY A 207 20.97 23.54 -4.25
N ILE A 208 22.21 23.53 -3.79
CA ILE A 208 22.57 22.76 -2.60
C ILE A 208 21.76 23.11 -1.35
N ASP A 209 21.47 24.39 -1.14
CA ASP A 209 20.69 24.79 0.03
C ASP A 209 19.28 24.19 0.00
N ASP A 210 18.62 24.24 -1.16
CA ASP A 210 17.29 23.68 -1.28
C ASP A 210 17.36 22.17 -1.07
N ARG A 211 18.40 21.55 -1.63
CA ARG A 211 18.57 20.11 -1.48
C ARG A 211 18.74 19.73 -0.01
N ARG A 212 19.49 20.55 0.73
CA ARG A 212 19.72 20.29 2.15
C ARG A 212 18.44 20.39 2.97
N THR A 213 17.62 21.38 2.65
CA THR A 213 16.35 21.58 3.34
C THR A 213 15.43 20.39 3.09
N ARG A 214 15.36 19.94 1.83
CA ARG A 214 14.51 18.80 1.48
C ARG A 214 15.01 17.52 2.15
N TYR A 215 16.32 17.32 2.17
CA TYR A 215 16.89 16.12 2.78
C TYR A 215 16.64 16.10 4.28
N ALA A 216 16.82 17.26 4.93
CA ALA A 216 16.61 17.36 6.37
C ALA A 216 15.16 16.99 6.71
N ALA A 217 14.21 17.50 5.92
CA ALA A 217 12.80 17.22 6.13
C ALA A 217 12.45 15.74 5.96
N ALA A 218 12.96 15.14 4.88
CA ALA A 218 12.71 13.73 4.60
C ALA A 218 13.36 12.86 5.65
N ARG A 219 14.55 13.24 6.08
CA ARG A 219 15.30 12.49 7.09
C ARG A 219 14.55 12.49 8.42
N LYS A 220 13.99 13.64 8.79
CA LYS A 220 13.26 13.75 10.05
C LYS A 220 12.04 12.83 10.03
N VAL A 221 11.44 12.67 8.85
CA VAL A 221 10.27 11.81 8.71
C VAL A 221 10.60 10.33 8.60
N LEU A 222 11.59 10.01 7.77
CA LEU A 222 11.95 8.61 7.52
C LEU A 222 13.05 7.96 8.35
N ALA A 223 14.07 8.72 8.71
CA ALA A 223 15.20 8.17 9.46
C ALA A 223 15.23 8.61 10.93
N HIS B 1 -28.58 31.37 18.45
CA HIS B 1 -28.28 30.40 17.36
C HIS B 1 -27.92 29.02 17.91
N HIS B 2 -27.60 28.98 19.20
CA HIS B 2 -27.24 27.73 19.87
C HIS B 2 -26.12 27.04 19.10
N HIS B 3 -25.13 27.82 18.68
CA HIS B 3 -24.00 27.32 17.91
C HIS B 3 -22.86 26.75 18.73
N SER B 4 -22.08 27.64 19.35
CA SER B 4 -20.93 27.23 20.15
C SER B 4 -20.53 25.76 19.93
N SER B 5 -19.63 25.52 18.98
CA SER B 5 -19.17 24.16 18.70
C SER B 5 -18.09 24.14 17.63
N GLY B 6 -18.03 23.05 16.88
CA GLY B 6 -17.03 22.90 15.82
C GLY B 6 -15.82 22.12 16.28
N GLU B 7 -15.92 20.80 16.29
CA GLU B 7 -14.79 19.95 16.70
C GLU B 7 -15.04 18.46 16.46
N ASN B 8 -13.97 17.70 16.36
CA ASN B 8 -14.05 16.25 16.12
C ASN B 8 -14.09 15.44 17.41
N LEU B 9 -14.95 14.43 17.44
CA LEU B 9 -15.09 13.56 18.60
C LEU B 9 -13.77 12.82 18.83
N TYR B 10 -13.20 12.29 17.76
CA TYR B 10 -11.93 11.58 17.84
C TYR B 10 -10.93 12.08 16.80
N PHE B 11 -9.65 11.97 17.14
CA PHE B 11 -8.58 12.38 16.25
C PHE B 11 -8.41 11.34 15.15
N GLN B 12 -8.55 11.78 13.91
CA GLN B 12 -8.43 10.90 12.74
C GLN B 12 -9.35 9.67 12.81
N GLY B 13 -9.01 8.63 12.06
CA GLY B 13 -9.84 7.42 12.05
C GLY B 13 -11.17 7.64 11.33
N HIS B 14 -11.24 8.71 10.55
CA HIS B 14 -12.46 9.04 9.82
C HIS B 14 -12.48 8.41 8.44
N MET B 15 -12.93 7.17 8.39
CA MET B 15 -13.00 6.43 7.14
C MET B 15 -14.38 5.85 6.90
N MET B 16 -14.60 5.39 5.66
CA MET B 16 -15.85 4.76 5.28
C MET B 16 -16.12 3.65 6.29
N ASP B 17 -17.35 3.57 6.79
CA ASP B 17 -17.69 2.50 7.73
C ASP B 17 -18.27 1.32 6.95
N ILE B 18 -18.38 0.17 7.59
CA ILE B 18 -18.87 -1.01 6.90
C ILE B 18 -20.27 -0.86 6.31
N ASN B 19 -21.10 0.00 6.91
CA ASN B 19 -22.45 0.20 6.40
C ASN B 19 -22.38 0.88 5.04
N GLN B 20 -21.56 1.92 4.96
CA GLN B 20 -21.41 2.65 3.70
C GLN B 20 -20.85 1.73 2.63
N PHE B 21 -19.84 0.93 3.00
CA PHE B 21 -19.21 0.01 2.06
C PHE B 21 -20.21 -0.99 1.51
N ARG B 22 -20.99 -1.61 2.40
CA ARG B 22 -21.99 -2.59 2.01
C ARG B 22 -22.97 -2.02 1.01
N ARG B 23 -23.57 -0.87 1.36
CA ARG B 23 -24.53 -0.23 0.50
C ARG B 23 -23.89 0.25 -0.81
N ALA B 24 -22.69 0.80 -0.73
CA ALA B 24 -22.01 1.29 -1.93
C ALA B 24 -21.64 0.17 -2.90
N SER B 25 -21.23 -0.99 -2.36
CA SER B 25 -20.82 -2.11 -3.21
C SER B 25 -21.99 -3.04 -3.58
N GLY B 26 -23.11 -2.90 -2.89
CA GLY B 26 -24.28 -3.71 -3.17
C GLY B 26 -24.15 -5.20 -2.88
N ILE B 27 -23.42 -5.56 -1.83
CA ILE B 27 -23.25 -6.97 -1.49
C ILE B 27 -23.94 -7.26 -0.14
N ASN B 28 -24.05 -8.53 0.22
CA ASN B 28 -24.68 -8.88 1.48
C ASN B 28 -23.76 -8.60 2.66
N GLU B 29 -24.30 -8.64 3.88
CA GLU B 29 -23.50 -8.37 5.07
C GLU B 29 -22.33 -9.34 5.25
N GLN B 30 -22.52 -10.59 4.84
CA GLN B 30 -21.46 -11.58 4.96
C GLN B 30 -20.25 -11.17 4.13
N LEU B 31 -20.50 -10.81 2.86
CA LEU B 31 -19.43 -10.39 1.97
C LEU B 31 -18.83 -9.05 2.39
N ALA B 32 -19.68 -8.15 2.84
CA ALA B 32 -19.24 -6.82 3.28
C ALA B 32 -18.31 -6.95 4.48
N ALA B 33 -18.64 -7.85 5.40
CA ALA B 33 -17.83 -8.06 6.59
C ALA B 33 -16.49 -8.66 6.19
N ARG B 34 -16.54 -9.57 5.22
CA ARG B 34 -15.32 -10.23 4.73
C ARG B 34 -14.35 -9.26 4.10
N TRP B 35 -14.85 -8.45 3.19
CA TRP B 35 -14.04 -7.50 2.43
C TRP B 35 -13.73 -6.14 3.02
N PHE B 36 -14.60 -5.64 3.90
CA PHE B 36 -14.42 -4.32 4.48
C PHE B 36 -13.01 -3.93 4.91
N PRO B 37 -12.38 -4.71 5.80
CA PRO B 37 -11.02 -4.32 6.21
C PRO B 37 -10.01 -4.26 5.07
N HIS B 38 -10.06 -5.24 4.18
CA HIS B 38 -9.12 -5.30 3.07
C HIS B 38 -9.26 -4.16 2.07
N ILE B 39 -10.50 -3.82 1.72
CA ILE B 39 -10.74 -2.73 0.79
C ILE B 39 -10.35 -1.38 1.41
N THR B 40 -10.74 -1.14 2.67
CA THR B 40 -10.39 0.13 3.28
C THR B 40 -8.89 0.26 3.54
N THR B 41 -8.25 -0.84 3.95
CA THR B 41 -6.81 -0.78 4.21
C THR B 41 -6.09 -0.45 2.91
N ALA B 42 -6.52 -1.10 1.83
CA ALA B 42 -5.93 -0.90 0.50
C ALA B 42 -6.18 0.53 -0.01
N MET B 43 -7.42 1.02 0.12
CA MET B 43 -7.70 2.37 -0.33
C MET B 43 -6.87 3.38 0.47
N ASN B 44 -6.75 3.16 1.78
CA ASN B 44 -5.98 4.07 2.62
C ASN B 44 -4.49 4.02 2.32
N GLU B 45 -3.97 2.84 2.01
CA GLU B 45 -2.56 2.71 1.71
C GLU B 45 -2.17 3.49 0.46
N PHE B 46 -3.07 3.57 -0.51
CA PHE B 46 -2.79 4.28 -1.76
C PHE B 46 -3.50 5.62 -1.98
N GLY B 47 -4.05 6.18 -0.91
CA GLY B 47 -4.71 7.47 -1.02
C GLY B 47 -5.96 7.57 -1.90
N ILE B 48 -6.77 6.51 -1.93
CA ILE B 48 -8.01 6.55 -2.71
C ILE B 48 -9.00 7.07 -1.68
N THR B 49 -9.09 8.39 -1.59
CA THR B 49 -9.93 9.05 -0.60
C THR B 49 -11.10 9.87 -1.11
N LYS B 50 -10.94 10.54 -2.24
CA LYS B 50 -12.03 11.34 -2.80
C LYS B 50 -13.24 10.45 -3.02
N PRO B 51 -14.42 10.89 -2.56
CA PRO B 51 -15.65 10.12 -2.72
C PRO B 51 -15.87 9.51 -4.10
N ASP B 52 -15.65 10.30 -5.15
CA ASP B 52 -15.82 9.79 -6.51
C ASP B 52 -14.76 8.75 -6.88
N ASP B 53 -13.54 8.92 -6.37
CA ASP B 53 -12.50 7.93 -6.66
C ASP B 53 -12.84 6.64 -5.95
N GLN B 54 -13.30 6.74 -4.70
CA GLN B 54 -13.67 5.56 -3.94
C GLN B 54 -14.86 4.87 -4.60
N ALA B 55 -15.82 5.66 -5.08
CA ALA B 55 -17.00 5.11 -5.72
C ALA B 55 -16.59 4.34 -7.00
N MET B 56 -15.69 4.93 -7.78
CA MET B 56 -15.24 4.30 -9.02
C MET B 56 -14.44 3.03 -8.72
N PHE B 57 -13.60 3.09 -7.69
CA PHE B 57 -12.80 1.93 -7.31
C PHE B 57 -13.69 0.75 -6.94
N ILE B 58 -14.62 0.99 -6.03
CA ILE B 58 -15.54 -0.06 -5.59
C ILE B 58 -16.38 -0.62 -6.73
N ALA B 59 -16.84 0.25 -7.62
CA ALA B 59 -17.66 -0.18 -8.76
C ALA B 59 -16.87 -1.02 -9.74
N GLN B 60 -15.68 -0.58 -10.11
CA GLN B 60 -14.84 -1.33 -11.06
C GLN B 60 -14.40 -2.66 -10.47
N VAL B 61 -13.94 -2.64 -9.22
CA VAL B 61 -13.51 -3.86 -8.56
C VAL B 61 -14.72 -4.79 -8.42
N GLY B 62 -15.88 -4.23 -8.13
CA GLY B 62 -17.08 -5.04 -8.00
C GLY B 62 -17.38 -5.75 -9.31
N HIS B 63 -17.26 -5.03 -10.41
CA HIS B 63 -17.52 -5.60 -11.73
C HIS B 63 -16.53 -6.71 -12.08
N GLU B 64 -15.24 -6.41 -11.92
CA GLU B 64 -14.19 -7.37 -12.25
C GLU B 64 -14.22 -8.66 -11.43
N SER B 65 -14.63 -8.55 -10.16
CA SER B 65 -14.66 -9.71 -9.28
C SER B 65 -16.01 -10.42 -9.18
N GLY B 66 -16.94 -10.07 -10.06
CA GLY B 66 -18.24 -10.71 -10.02
C GLY B 66 -18.92 -10.44 -8.68
N GLY B 67 -18.88 -9.19 -8.24
CA GLY B 67 -19.51 -8.83 -7.00
C GLY B 67 -18.73 -9.33 -5.79
N PHE B 68 -17.41 -9.19 -5.83
CA PHE B 68 -16.54 -9.60 -4.73
C PHE B 68 -16.60 -11.10 -4.40
N THR B 69 -16.78 -11.95 -5.42
CA THR B 69 -16.86 -13.39 -5.16
C THR B 69 -15.79 -14.23 -5.85
N ARG B 70 -15.15 -13.71 -6.88
CA ARG B 70 -14.13 -14.47 -7.61
C ARG B 70 -12.78 -13.78 -7.61
N LEU B 71 -11.72 -14.53 -7.29
CA LEU B 71 -10.37 -13.99 -7.23
C LEU B 71 -9.38 -14.69 -8.17
N GLN B 72 -9.86 -15.63 -8.97
CA GLN B 72 -8.97 -16.30 -9.91
C GLN B 72 -9.76 -17.00 -11.00
N GLU B 73 -9.13 -17.15 -12.16
CA GLU B 73 -9.77 -17.82 -13.28
C GLU B 73 -9.50 -19.32 -13.15
N ASN B 74 -10.28 -20.13 -13.88
CA ASN B 74 -10.04 -21.56 -13.86
C ASN B 74 -10.00 -21.98 -15.33
N PHE B 75 -9.50 -23.19 -15.59
CA PHE B 75 -9.42 -23.64 -16.96
C PHE B 75 -10.26 -24.88 -17.25
N ASN B 76 -11.42 -24.94 -16.60
CA ASN B 76 -12.34 -26.06 -16.80
C ASN B 76 -13.13 -25.79 -18.08
N TYR B 77 -12.45 -25.96 -19.21
CA TYR B 77 -13.03 -25.72 -20.52
C TYR B 77 -13.34 -27.00 -21.31
N SER B 78 -14.40 -26.94 -22.11
CA SER B 78 -14.76 -28.05 -22.97
C SER B 78 -13.97 -27.79 -24.25
N VAL B 79 -13.91 -28.77 -25.14
CA VAL B 79 -13.17 -28.58 -26.39
C VAL B 79 -13.70 -27.36 -27.15
N ASN B 80 -15.02 -27.27 -27.31
CA ASN B 80 -15.61 -26.12 -28.01
C ASN B 80 -15.48 -24.85 -27.20
N GLY B 81 -15.44 -24.99 -25.88
CA GLY B 81 -15.31 -23.83 -25.01
C GLY B 81 -13.98 -23.11 -25.20
N LEU B 82 -13.03 -23.77 -25.86
CA LEU B 82 -11.71 -23.19 -26.12
C LEU B 82 -11.68 -22.40 -27.42
N SER B 83 -12.82 -22.32 -28.11
CA SER B 83 -12.90 -21.60 -29.37
C SER B 83 -12.37 -20.17 -29.27
N GLY B 84 -12.62 -19.52 -28.14
CA GLY B 84 -12.14 -18.16 -27.94
C GLY B 84 -10.62 -18.09 -28.01
N PHE B 85 -9.96 -19.00 -27.31
CA PHE B 85 -8.51 -19.06 -27.31
C PHE B 85 -7.99 -19.40 -28.71
N ILE B 86 -8.75 -20.21 -29.44
CA ILE B 86 -8.35 -20.58 -30.79
C ILE B 86 -8.44 -19.35 -31.70
N ARG B 87 -9.54 -18.61 -31.58
CA ARG B 87 -9.72 -17.41 -32.39
C ARG B 87 -8.59 -16.41 -32.12
N ALA B 88 -8.14 -16.35 -30.87
CA ALA B 88 -7.06 -15.44 -30.48
C ALA B 88 -5.67 -15.98 -30.84
N GLY B 89 -5.62 -17.21 -31.35
CA GLY B 89 -4.35 -17.81 -31.72
C GLY B 89 -3.50 -18.25 -30.55
N ARG B 90 -4.15 -18.58 -29.43
CA ARG B 90 -3.44 -19.00 -28.22
C ARG B 90 -3.28 -20.51 -28.12
N ILE B 91 -4.10 -21.24 -28.88
CA ILE B 91 -4.05 -22.69 -28.85
C ILE B 91 -4.59 -23.20 -30.18
N THR B 92 -4.10 -24.34 -30.63
CA THR B 92 -4.56 -24.92 -31.90
C THR B 92 -5.78 -25.81 -31.70
N PRO B 93 -6.53 -26.07 -32.78
CA PRO B 93 -7.72 -26.92 -32.68
C PRO B 93 -7.31 -28.31 -32.17
N ASP B 94 -6.18 -28.81 -32.66
CA ASP B 94 -5.65 -30.12 -32.27
C ASP B 94 -5.43 -30.15 -30.76
N GLN B 95 -4.75 -29.13 -30.24
CA GLN B 95 -4.48 -29.05 -28.82
C GLN B 95 -5.76 -28.94 -27.99
N ALA B 96 -6.73 -28.15 -28.48
CA ALA B 96 -7.98 -28.00 -27.77
C ALA B 96 -8.72 -29.34 -27.62
N ASN B 97 -8.67 -30.17 -28.65
CA ASN B 97 -9.34 -31.46 -28.60
C ASN B 97 -8.63 -32.45 -27.68
N ALA B 98 -7.31 -32.33 -27.61
CA ALA B 98 -6.54 -33.22 -26.75
C ALA B 98 -6.74 -32.91 -25.26
N LEU B 99 -6.85 -31.63 -24.93
CA LEU B 99 -6.98 -31.20 -23.55
C LEU B 99 -8.38 -30.85 -23.03
N GLY B 100 -9.24 -30.34 -23.91
CA GLY B 100 -10.58 -29.94 -23.50
C GLY B 100 -11.42 -31.01 -22.82
N ARG B 101 -12.35 -30.57 -21.99
CA ARG B 101 -13.26 -31.47 -21.26
C ARG B 101 -14.21 -32.11 -22.27
N LYS B 102 -14.33 -33.44 -22.20
CA LYS B 102 -15.20 -34.17 -23.10
C LYS B 102 -16.64 -34.30 -22.55
N THR B 103 -17.60 -34.50 -23.45
CA THR B 103 -19.00 -34.62 -23.06
C THR B 103 -19.23 -35.62 -21.93
N TYR B 104 -18.43 -36.68 -21.87
CA TYR B 104 -18.57 -37.70 -20.84
C TYR B 104 -17.67 -37.48 -19.63
N GLU B 105 -17.27 -36.24 -19.38
CA GLU B 105 -16.42 -35.92 -18.23
C GLU B 105 -17.11 -34.90 -17.34
N LYS B 106 -17.11 -35.16 -16.03
CA LYS B 106 -17.75 -34.30 -15.05
C LYS B 106 -17.12 -32.92 -14.95
N SER B 107 -15.82 -32.90 -14.61
CA SER B 107 -15.09 -31.65 -14.48
C SER B 107 -13.65 -31.91 -14.91
N LEU B 108 -13.05 -30.95 -15.61
CA LEU B 108 -11.70 -31.10 -16.10
C LEU B 108 -10.67 -31.23 -14.98
N PRO B 109 -9.91 -32.34 -14.97
CA PRO B 109 -8.88 -32.59 -13.96
C PRO B 109 -7.81 -31.50 -13.96
N LEU B 110 -7.20 -31.27 -12.80
CA LEU B 110 -6.17 -30.25 -12.67
C LEU B 110 -5.02 -30.38 -13.66
N GLU B 111 -4.57 -31.62 -13.90
CA GLU B 111 -3.47 -31.82 -14.83
C GLU B 111 -3.82 -31.36 -16.24
N ARG B 112 -5.11 -31.42 -16.57
CA ARG B 112 -5.59 -30.98 -17.89
C ARG B 112 -5.69 -29.46 -17.91
N GLN B 113 -6.25 -28.89 -16.83
CA GLN B 113 -6.38 -27.44 -16.73
C GLN B 113 -5.02 -26.75 -16.78
N ARG B 114 -4.07 -27.33 -16.07
CA ARG B 114 -2.71 -26.82 -16.01
C ARG B 114 -2.11 -26.82 -17.41
N ALA B 115 -2.30 -27.93 -18.13
CA ALA B 115 -1.79 -28.07 -19.48
C ALA B 115 -2.35 -26.97 -20.38
N ILE B 116 -3.65 -26.72 -20.28
CA ILE B 116 -4.26 -25.68 -21.10
C ILE B 116 -3.66 -24.31 -20.78
N ALA B 117 -3.57 -23.97 -19.50
CA ALA B 117 -3.02 -22.68 -19.09
C ALA B 117 -1.59 -22.50 -19.58
N ASN B 118 -0.76 -23.54 -19.41
CA ASN B 118 0.63 -23.45 -19.83
C ASN B 118 0.77 -23.24 -21.32
N LEU B 119 -0.25 -23.66 -22.07
CA LEU B 119 -0.25 -23.52 -23.51
C LEU B 119 -0.75 -22.13 -23.91
N VAL B 120 -1.93 -21.77 -23.42
CA VAL B 120 -2.54 -20.48 -23.73
C VAL B 120 -1.66 -19.29 -23.36
N TYR B 121 -0.93 -19.38 -22.26
CA TYR B 121 -0.08 -18.28 -21.82
C TYR B 121 1.41 -18.54 -22.10
N SER B 122 1.68 -19.50 -22.98
CA SER B 122 3.07 -19.84 -23.31
C SER B 122 3.79 -18.67 -23.97
N LYS B 123 5.01 -18.39 -23.52
CA LYS B 123 5.81 -17.30 -24.07
C LYS B 123 5.03 -15.99 -24.23
N ARG B 124 4.22 -15.68 -23.24
CA ARG B 124 3.44 -14.45 -23.23
C ARG B 124 3.64 -13.79 -21.87
N MET B 125 3.57 -12.47 -21.85
CA MET B 125 3.71 -11.70 -20.61
C MET B 125 4.90 -12.10 -19.74
N GLY B 126 6.02 -12.43 -20.38
CA GLY B 126 7.21 -12.79 -19.62
C GLY B 126 7.34 -14.24 -19.20
N ASN B 127 6.32 -15.05 -19.47
CA ASN B 127 6.40 -16.45 -19.09
C ASN B 127 7.47 -17.09 -19.97
N ASN B 128 8.57 -17.49 -19.34
CA ASN B 128 9.68 -18.11 -20.06
C ASN B 128 10.24 -19.28 -19.29
N GLY B 129 9.35 -19.97 -18.58
CA GLY B 129 9.75 -21.11 -17.79
C GLY B 129 8.68 -22.16 -17.77
N PRO B 130 9.03 -23.41 -17.39
CA PRO B 130 8.04 -24.48 -17.35
C PRO B 130 7.02 -24.29 -16.24
N GLY B 131 5.74 -24.33 -16.60
CA GLY B 131 4.69 -24.16 -15.63
C GLY B 131 4.27 -22.72 -15.35
N ASP B 132 4.93 -21.77 -16.01
CA ASP B 132 4.61 -20.36 -15.79
C ASP B 132 3.17 -19.99 -16.17
N GLY B 133 2.68 -20.53 -17.29
CA GLY B 133 1.33 -20.23 -17.73
C GLY B 133 0.32 -20.44 -16.62
N TRP B 134 0.36 -21.62 -16.03
CA TRP B 134 -0.56 -21.96 -14.95
C TRP B 134 -0.20 -21.26 -13.63
N ASN B 135 1.08 -21.26 -13.27
CA ASN B 135 1.48 -20.64 -12.01
C ASN B 135 1.14 -19.16 -11.94
N TYR B 136 1.19 -18.47 -13.07
CA TYR B 136 0.87 -17.06 -13.11
C TYR B 136 -0.46 -16.79 -13.81
N ARG B 137 -1.40 -17.72 -13.66
CA ARG B 137 -2.72 -17.54 -14.26
C ARG B 137 -3.39 -16.34 -13.58
N GLY B 138 -4.50 -15.87 -14.14
CA GLY B 138 -5.18 -14.72 -13.59
C GLY B 138 -5.68 -14.83 -12.16
N ARG B 139 -5.27 -13.89 -11.32
CA ARG B 139 -5.69 -13.84 -9.91
C ARG B 139 -5.91 -12.38 -9.50
N GLY B 140 -6.66 -12.19 -8.41
CA GLY B 140 -6.93 -10.85 -7.89
C GLY B 140 -8.34 -10.34 -8.13
N LEU B 141 -8.68 -9.19 -7.54
CA LEU B 141 -10.00 -8.59 -7.75
C LEU B 141 -9.94 -8.15 -9.20
N ILE B 142 -8.92 -7.35 -9.50
CA ILE B 142 -8.67 -6.91 -10.87
C ILE B 142 -7.59 -7.93 -11.27
N GLN B 143 -7.91 -8.76 -12.25
CA GLN B 143 -7.02 -9.83 -12.68
C GLN B 143 -5.60 -9.47 -13.12
N ILE B 144 -4.62 -10.10 -12.47
CA ILE B 144 -3.21 -9.91 -12.77
C ILE B 144 -2.77 -11.22 -13.45
N THR B 145 -2.11 -11.14 -14.60
CA THR B 145 -1.70 -12.34 -15.31
C THR B 145 -0.28 -12.32 -15.88
N GLY B 146 0.43 -13.44 -15.75
CA GLY B 146 1.77 -13.54 -16.31
C GLY B 146 2.90 -13.07 -15.42
N LEU B 147 4.05 -13.73 -15.54
CA LEU B 147 5.24 -13.42 -14.75
C LEU B 147 5.58 -11.94 -14.70
N ASN B 148 5.61 -11.27 -15.85
CA ASN B 148 5.95 -9.85 -15.90
C ASN B 148 5.09 -9.00 -15.00
N ASN B 149 3.80 -9.31 -14.97
CA ASN B 149 2.86 -8.54 -14.18
C ASN B 149 2.82 -8.91 -12.71
N TYR B 150 3.10 -10.16 -12.39
CA TYR B 150 3.16 -10.52 -10.98
C TYR B 150 4.42 -9.84 -10.44
N ARG B 151 5.43 -9.70 -11.29
CA ARG B 151 6.68 -9.05 -10.90
C ARG B 151 6.47 -7.56 -10.68
N ASP B 152 5.83 -6.89 -11.64
CA ASP B 152 5.59 -5.47 -11.48
C ASP B 152 4.64 -5.20 -10.32
N CYS B 153 3.59 -6.01 -10.20
CA CYS B 153 2.66 -5.80 -9.10
C CYS B 153 3.39 -6.03 -7.78
N GLY B 154 4.25 -7.04 -7.75
CA GLY B 154 5.01 -7.33 -6.54
C GLY B 154 5.91 -6.18 -6.15
N ASN B 155 6.55 -5.57 -7.13
CA ASN B 155 7.41 -4.42 -6.84
C ASN B 155 6.55 -3.25 -6.35
N GLY B 156 5.31 -3.18 -6.80
CA GLY B 156 4.43 -2.09 -6.40
C GLY B 156 3.87 -2.25 -5.00
N LEU B 157 3.87 -3.48 -4.51
CA LEU B 157 3.35 -3.80 -3.18
C LEU B 157 4.43 -4.17 -2.18
N LYS B 158 5.62 -4.49 -2.69
CA LYS B 158 6.74 -4.91 -1.85
C LYS B 158 6.40 -6.33 -1.35
N VAL B 159 5.90 -7.14 -2.26
CA VAL B 159 5.55 -8.52 -1.97
C VAL B 159 6.14 -9.37 -3.08
N ASP B 160 6.77 -10.49 -2.71
CA ASP B 160 7.39 -11.37 -3.69
C ASP B 160 6.35 -12.24 -4.38
N LEU B 161 5.59 -11.64 -5.31
CA LEU B 161 4.55 -12.36 -6.03
C LEU B 161 5.16 -13.31 -7.07
N VAL B 162 6.41 -13.08 -7.44
CA VAL B 162 7.05 -13.98 -8.38
C VAL B 162 7.21 -15.33 -7.68
N ALA B 163 7.62 -15.29 -6.41
CA ALA B 163 7.81 -16.51 -5.64
C ALA B 163 6.50 -17.08 -5.09
N GLN B 164 5.57 -16.19 -4.71
CA GLN B 164 4.30 -16.64 -4.17
C GLN B 164 3.10 -15.98 -4.86
N PRO B 165 2.89 -16.29 -6.15
CA PRO B 165 1.77 -15.71 -6.91
C PRO B 165 0.40 -16.01 -6.31
N GLU B 166 0.30 -17.13 -5.59
CA GLU B 166 -0.98 -17.50 -4.99
C GLU B 166 -1.48 -16.50 -3.95
N LEU B 167 -0.62 -15.59 -3.51
CA LEU B 167 -1.04 -14.59 -2.54
C LEU B 167 -2.13 -13.69 -3.11
N LEU B 168 -2.16 -13.53 -4.43
CA LEU B 168 -3.18 -12.68 -5.03
C LEU B 168 -4.57 -13.29 -4.95
N ALA B 169 -4.65 -14.55 -4.52
CA ALA B 169 -5.93 -15.22 -4.36
C ALA B 169 -6.38 -15.09 -2.89
N GLN B 170 -5.59 -14.37 -2.09
CA GLN B 170 -5.91 -14.12 -0.69
C GLN B 170 -6.46 -12.71 -0.62
N ASP B 171 -7.50 -12.52 0.18
CA ASP B 171 -8.18 -11.23 0.27
C ASP B 171 -7.35 -9.96 0.45
N GLU B 172 -6.46 -9.93 1.44
CA GLU B 172 -5.67 -8.73 1.67
C GLU B 172 -4.82 -8.32 0.47
N TYR B 173 -4.13 -9.28 -0.14
CA TYR B 173 -3.28 -8.97 -1.30
C TYR B 173 -4.09 -8.72 -2.57
N ALA B 174 -5.26 -9.35 -2.67
CA ALA B 174 -6.10 -9.13 -3.82
C ALA B 174 -6.55 -7.67 -3.76
N ALA B 175 -6.91 -7.19 -2.57
CA ALA B 175 -7.35 -5.82 -2.38
C ALA B 175 -6.22 -4.81 -2.63
N ARG B 176 -5.04 -5.08 -2.07
CA ARG B 176 -3.90 -4.17 -2.25
C ARG B 176 -3.44 -4.06 -3.71
N SER B 177 -3.41 -5.18 -4.41
CA SER B 177 -3.00 -5.17 -5.81
C SER B 177 -4.00 -4.36 -6.64
N ALA B 178 -5.29 -4.47 -6.31
CA ALA B 178 -6.30 -3.73 -7.07
C ALA B 178 -6.14 -2.23 -6.84
N ALA B 179 -5.88 -1.85 -5.58
CA ALA B 179 -5.71 -0.44 -5.27
C ALA B 179 -4.45 0.08 -5.95
N TRP B 180 -3.39 -0.70 -5.92
CA TRP B 180 -2.13 -0.31 -6.58
C TRP B 180 -2.38 -0.15 -8.08
N PHE B 181 -3.14 -1.07 -8.66
CA PHE B 181 -3.45 -1.01 -10.09
C PHE B 181 -4.18 0.31 -10.38
N PHE B 182 -5.29 0.49 -9.69
CA PHE B 182 -6.15 1.67 -9.81
C PHE B 182 -5.31 2.95 -9.73
N SER B 183 -4.47 3.03 -8.71
CA SER B 183 -3.64 4.21 -8.53
C SER B 183 -2.48 4.34 -9.53
N SER B 184 -1.66 3.29 -9.62
CA SER B 184 -0.52 3.31 -10.52
C SER B 184 -0.89 3.55 -11.99
N LYS B 185 -1.97 2.92 -12.43
CA LYS B 185 -2.41 3.03 -13.82
C LYS B 185 -3.09 4.36 -14.14
N GLY B 186 -3.17 5.25 -13.16
CA GLY B 186 -3.75 6.57 -13.36
C GLY B 186 -5.25 6.78 -13.36
N CYS B 187 -6.00 5.91 -12.70
CA CYS B 187 -7.45 6.06 -12.67
C CYS B 187 -7.92 7.30 -11.89
N MET B 188 -7.11 7.75 -10.94
CA MET B 188 -7.48 8.94 -10.16
C MET B 188 -7.18 10.23 -10.92
N LYS B 189 -6.70 10.10 -12.14
CA LYS B 189 -6.41 11.27 -12.96
C LYS B 189 -7.65 11.52 -13.81
N TYR B 190 -8.59 10.57 -13.78
CA TYR B 190 -9.83 10.68 -14.56
C TYR B 190 -11.07 10.49 -13.70
N THR B 191 -11.09 11.15 -12.54
CA THR B 191 -12.20 11.06 -11.61
C THR B 191 -13.52 11.40 -12.31
N GLY B 192 -14.51 10.51 -12.17
CA GLY B 192 -15.80 10.74 -12.77
C GLY B 192 -15.92 10.36 -14.23
N ASP B 193 -14.83 9.92 -14.84
CA ASP B 193 -14.86 9.54 -16.25
C ASP B 193 -14.90 8.02 -16.37
N LEU B 194 -16.13 7.49 -16.40
CA LEU B 194 -16.35 6.05 -16.49
C LEU B 194 -15.72 5.37 -17.70
N VAL B 195 -15.86 5.99 -18.86
CA VAL B 195 -15.31 5.41 -20.09
C VAL B 195 -13.79 5.33 -20.07
N ARG B 196 -13.15 6.41 -19.65
CA ARG B 196 -11.69 6.44 -19.61
C ARG B 196 -11.14 5.49 -18.55
N VAL B 197 -11.77 5.46 -17.38
CA VAL B 197 -11.33 4.56 -16.31
C VAL B 197 -11.49 3.10 -16.75
N THR B 198 -12.65 2.79 -17.33
CA THR B 198 -12.92 1.44 -17.81
C THR B 198 -11.87 1.01 -18.86
N GLN B 199 -11.50 1.95 -19.73
CA GLN B 199 -10.51 1.68 -20.77
C GLN B 199 -9.17 1.28 -20.13
N ILE B 200 -8.79 2.00 -19.08
CA ILE B 200 -7.55 1.72 -18.38
C ILE B 200 -7.57 0.36 -17.70
N ILE B 201 -8.69 0.05 -17.05
CA ILE B 201 -8.85 -1.20 -16.33
C ILE B 201 -9.09 -2.42 -17.23
N ASN B 202 -10.02 -2.28 -18.17
CA ASN B 202 -10.36 -3.41 -19.04
C ASN B 202 -9.63 -3.43 -20.38
N GLY B 203 -8.95 -2.35 -20.71
CA GLY B 203 -8.25 -2.30 -21.99
C GLY B 203 -9.30 -2.33 -23.10
N GLY B 204 -10.52 -1.99 -22.71
CA GLY B 204 -11.63 -1.96 -23.65
C GLY B 204 -12.85 -1.39 -22.94
N GLN B 205 -14.03 -1.64 -23.50
CA GLN B 205 -15.28 -1.13 -22.91
C GLN B 205 -16.24 -2.24 -22.54
N ASN B 206 -15.69 -3.44 -22.32
CA ASN B 206 -16.51 -4.58 -21.96
C ASN B 206 -17.19 -4.41 -20.60
N GLY B 207 -18.49 -4.69 -20.57
CA GLY B 207 -19.26 -4.57 -19.33
C GLY B 207 -19.50 -3.15 -18.86
N ILE B 208 -19.42 -2.19 -19.77
CA ILE B 208 -19.62 -0.79 -19.42
C ILE B 208 -20.98 -0.51 -18.75
N ASP B 209 -22.03 -1.21 -19.19
CA ASP B 209 -23.36 -1.01 -18.62
C ASP B 209 -23.39 -1.35 -17.13
N ASP B 210 -22.82 -2.50 -16.78
CA ASP B 210 -22.79 -2.93 -15.38
C ASP B 210 -21.88 -2.00 -14.57
N ARG B 211 -20.76 -1.61 -15.17
CA ARG B 211 -19.83 -0.70 -14.49
C ARG B 211 -20.55 0.61 -14.14
N ARG B 212 -21.36 1.08 -15.08
CA ARG B 212 -22.12 2.32 -14.87
C ARG B 212 -23.10 2.16 -13.72
N THR B 213 -23.83 1.05 -13.72
CA THR B 213 -24.81 0.76 -12.67
C THR B 213 -24.15 0.68 -11.30
N ARG B 214 -22.99 0.05 -11.25
CA ARG B 214 -22.26 -0.08 -9.99
C ARG B 214 -21.70 1.27 -9.54
N TYR B 215 -21.19 2.05 -10.49
CA TYR B 215 -20.63 3.36 -10.16
C TYR B 215 -21.74 4.30 -9.70
N ALA B 216 -22.87 4.28 -10.40
CA ALA B 216 -23.99 5.14 -10.05
C ALA B 216 -24.46 4.84 -8.63
N ALA B 217 -24.56 3.55 -8.30
CA ALA B 217 -25.00 3.13 -6.98
C ALA B 217 -24.00 3.47 -5.87
N ALA B 218 -22.71 3.32 -6.17
CA ALA B 218 -21.69 3.64 -5.17
C ALA B 218 -21.61 5.14 -4.94
N ARG B 219 -21.69 5.91 -6.03
CA ARG B 219 -21.62 7.36 -5.95
C ARG B 219 -22.77 7.96 -5.14
N LYS B 220 -23.94 7.35 -5.24
CA LYS B 220 -25.11 7.81 -4.50
C LYS B 220 -24.93 7.62 -2.99
N VAL B 221 -24.20 6.58 -2.62
CA VAL B 221 -23.97 6.28 -1.21
C VAL B 221 -22.82 7.10 -0.64
N LEU B 222 -21.69 7.10 -1.36
CA LEU B 222 -20.49 7.80 -0.90
C LEU B 222 -20.38 9.28 -1.26
N ALA B 223 -20.92 9.67 -2.40
CA ALA B 223 -20.84 11.07 -2.82
C ALA B 223 -22.21 11.72 -2.92
N HIS C 1 -56.27 -15.14 20.19
CA HIS C 1 -54.79 -15.32 20.32
C HIS C 1 -54.12 -14.09 20.95
N HIS C 2 -54.82 -12.96 20.91
CA HIS C 2 -54.32 -11.71 21.48
C HIS C 2 -52.97 -11.33 20.86
N HIS C 3 -52.85 -11.51 19.55
CA HIS C 3 -51.62 -11.21 18.85
C HIS C 3 -51.31 -9.71 18.82
N SER C 4 -51.12 -9.15 17.63
CA SER C 4 -50.78 -7.74 17.40
C SER C 4 -49.47 -7.71 16.60
N SER C 5 -49.45 -6.94 15.53
CA SER C 5 -48.24 -6.84 14.70
C SER C 5 -47.03 -6.43 15.53
N GLY C 6 -45.89 -7.08 15.26
CA GLY C 6 -44.66 -6.79 15.99
C GLY C 6 -44.24 -5.33 16.06
N GLU C 7 -43.26 -4.98 15.23
CA GLU C 7 -42.72 -3.61 15.16
C GLU C 7 -41.71 -3.27 16.27
N ASN C 8 -40.67 -2.53 15.88
CA ASN C 8 -39.63 -2.12 16.82
C ASN C 8 -40.06 -0.82 17.50
N LEU C 9 -39.78 -0.71 18.80
CA LEU C 9 -40.11 0.49 19.55
C LEU C 9 -39.35 1.66 18.94
N TYR C 10 -38.07 1.43 18.65
CA TYR C 10 -37.23 2.46 18.06
C TYR C 10 -36.53 2.01 16.79
N PHE C 11 -36.27 2.97 15.91
CA PHE C 11 -35.59 2.73 14.64
C PHE C 11 -34.10 2.53 14.88
N GLN C 12 -33.61 1.33 14.55
CA GLN C 12 -32.20 0.98 14.72
C GLN C 12 -31.75 1.16 16.18
N GLY C 13 -30.44 1.31 16.39
CA GLY C 13 -29.91 1.46 17.74
C GLY C 13 -29.98 0.14 18.52
N HIS C 14 -30.15 -0.96 17.78
CA HIS C 14 -30.25 -2.27 18.39
C HIS C 14 -28.92 -2.98 18.53
N MET C 15 -28.22 -2.70 19.62
CA MET C 15 -26.93 -3.30 19.87
C MET C 15 -26.85 -3.93 21.26
N MET C 16 -25.77 -4.66 21.50
CA MET C 16 -25.52 -5.31 22.77
C MET C 16 -25.61 -4.23 23.86
N ASP C 17 -26.26 -4.53 24.98
CA ASP C 17 -26.34 -3.54 26.04
C ASP C 17 -25.19 -3.76 27.02
N ILE C 18 -24.93 -2.78 27.87
CA ILE C 18 -23.84 -2.86 28.83
C ILE C 18 -23.94 -4.06 29.77
N ASN C 19 -25.16 -4.46 30.11
CA ASN C 19 -25.35 -5.60 31.00
C ASN C 19 -24.86 -6.87 30.32
N GLN C 20 -25.23 -7.05 29.05
CA GLN C 20 -24.81 -8.20 28.26
C GLN C 20 -23.30 -8.22 28.15
N PHE C 21 -22.72 -7.07 27.87
CA PHE C 21 -21.27 -6.95 27.73
C PHE C 21 -20.55 -7.30 29.02
N ARG C 22 -21.06 -6.77 30.14
CA ARG C 22 -20.44 -7.05 31.43
C ARG C 22 -20.42 -8.53 31.76
N ARG C 23 -21.57 -9.19 31.56
CA ARG C 23 -21.68 -10.62 31.84
C ARG C 23 -20.85 -11.45 30.86
N ALA C 24 -20.86 -11.07 29.58
CA ALA C 24 -20.12 -11.81 28.57
C ALA C 24 -18.60 -11.74 28.80
N SER C 25 -18.11 -10.58 29.20
CA SER C 25 -16.68 -10.39 29.44
C SER C 25 -16.22 -10.82 30.83
N GLY C 26 -17.15 -10.90 31.77
CA GLY C 26 -16.83 -11.31 33.13
C GLY C 26 -16.01 -10.30 33.92
N ILE C 27 -16.22 -9.02 33.65
CA ILE C 27 -15.49 -7.97 34.37
C ILE C 27 -16.43 -7.22 35.31
N ASN C 28 -15.86 -6.42 36.22
CA ASN C 28 -16.68 -5.66 37.17
C ASN C 28 -17.42 -4.51 36.50
N GLU C 29 -18.39 -3.94 37.21
CA GLU C 29 -19.20 -2.85 36.67
C GLU C 29 -18.36 -1.67 36.20
N GLN C 30 -17.30 -1.36 36.94
CA GLN C 30 -16.41 -0.26 36.60
C GLN C 30 -15.75 -0.46 35.24
N LEU C 31 -15.12 -1.62 35.04
CA LEU C 31 -14.45 -1.90 33.77
C LEU C 31 -15.45 -1.99 32.63
N ALA C 32 -16.63 -2.53 32.90
CA ALA C 32 -17.66 -2.65 31.88
C ALA C 32 -18.10 -1.27 31.39
N ALA C 33 -18.28 -0.33 32.33
CA ALA C 33 -18.69 1.01 31.96
C ALA C 33 -17.58 1.70 31.18
N ARG C 34 -16.34 1.37 31.51
CA ARG C 34 -15.19 1.95 30.83
C ARG C 34 -15.06 1.47 29.39
N TRP C 35 -15.14 0.17 29.20
CA TRP C 35 -14.96 -0.42 27.87
C TRP C 35 -16.17 -0.53 26.96
N PHE C 36 -17.36 -0.53 27.53
CA PHE C 36 -18.59 -0.67 26.74
C PHE C 36 -18.65 0.13 25.45
N PRO C 37 -18.51 1.47 25.53
CA PRO C 37 -18.58 2.24 24.29
C PRO C 37 -17.52 1.88 23.24
N HIS C 38 -16.29 1.72 23.69
CA HIS C 38 -15.19 1.40 22.79
C HIS C 38 -15.32 0.04 22.12
N ILE C 39 -15.68 -0.98 22.90
CA ILE C 39 -15.85 -2.31 22.33
C ILE C 39 -17.01 -2.35 21.34
N THR C 40 -18.16 -1.79 21.72
CA THR C 40 -19.30 -1.81 20.82
C THR C 40 -19.09 -0.95 19.57
N THR C 41 -18.49 0.23 19.74
CA THR C 41 -18.23 1.11 18.60
C THR C 41 -17.33 0.38 17.60
N ALA C 42 -16.31 -0.30 18.13
CA ALA C 42 -15.38 -1.04 17.28
C ALA C 42 -16.07 -2.21 16.59
N MET C 43 -16.85 -2.99 17.35
CA MET C 43 -17.56 -4.13 16.75
C MET C 43 -18.51 -3.63 15.66
N ASN C 44 -19.16 -2.49 15.90
CA ASN C 44 -20.08 -1.95 14.90
C ASN C 44 -19.35 -1.45 13.66
N GLU C 45 -18.18 -0.85 13.86
CA GLU C 45 -17.41 -0.33 12.73
C GLU C 45 -16.94 -1.45 11.80
N PHE C 46 -16.57 -2.60 12.36
CA PHE C 46 -16.07 -3.71 11.55
C PHE C 46 -17.02 -4.85 11.26
N GLY C 47 -18.29 -4.67 11.61
CA GLY C 47 -19.28 -5.70 11.34
C GLY C 47 -19.14 -6.99 12.13
N ILE C 48 -18.69 -6.90 13.38
CA ILE C 48 -18.58 -8.09 14.21
C ILE C 48 -19.98 -8.13 14.85
N THR C 49 -20.89 -8.84 14.19
CA THR C 49 -22.27 -8.90 14.64
C THR C 49 -22.85 -10.25 15.07
N LYS C 50 -22.42 -11.34 14.45
CA LYS C 50 -22.94 -12.65 14.84
C LYS C 50 -22.58 -12.93 16.29
N PRO C 51 -23.54 -13.42 17.08
CA PRO C 51 -23.30 -13.71 18.50
C PRO C 51 -22.02 -14.51 18.75
N ASP C 52 -21.79 -15.56 17.97
CA ASP C 52 -20.60 -16.37 18.16
C ASP C 52 -19.31 -15.61 17.83
N ASP C 53 -19.39 -14.68 16.88
CA ASP C 53 -18.22 -13.89 16.52
C ASP C 53 -17.96 -12.87 17.62
N GLN C 54 -19.04 -12.28 18.14
CA GLN C 54 -18.91 -11.30 19.21
C GLN C 54 -18.37 -11.98 20.46
N ALA C 55 -18.86 -13.18 20.73
CA ALA C 55 -18.40 -13.92 21.91
C ALA C 55 -16.90 -14.24 21.81
N MET C 56 -16.45 -14.67 20.64
CA MET C 56 -15.05 -15.01 20.44
C MET C 56 -14.17 -13.76 20.54
N PHE C 57 -14.63 -12.66 19.94
CA PHE C 57 -13.89 -11.40 19.97
C PHE C 57 -13.68 -10.97 21.42
N ILE C 58 -14.77 -10.95 22.18
CA ILE C 58 -14.70 -10.54 23.58
C ILE C 58 -13.82 -11.47 24.41
N ALA C 59 -13.90 -12.77 24.14
CA ALA C 59 -13.11 -13.75 24.88
C ALA C 59 -11.62 -13.64 24.56
N GLN C 60 -11.28 -13.56 23.28
CA GLN C 60 -9.89 -13.46 22.87
C GLN C 60 -9.27 -12.15 23.38
N VAL C 61 -10.00 -11.05 23.23
CA VAL C 61 -9.51 -9.77 23.71
C VAL C 61 -9.41 -9.79 25.23
N GLY C 62 -10.38 -10.44 25.88
CA GLY C 62 -10.36 -10.52 27.33
C GLY C 62 -9.09 -11.22 27.80
N HIS C 63 -8.71 -12.28 27.09
CA HIS C 63 -7.50 -13.03 27.45
C HIS C 63 -6.23 -12.22 27.20
N GLU C 64 -6.11 -11.62 26.02
CA GLU C 64 -4.92 -10.85 25.65
C GLU C 64 -4.66 -9.64 26.54
N SER C 65 -5.73 -8.96 26.98
CA SER C 65 -5.60 -7.76 27.80
C SER C 65 -5.65 -8.00 29.29
N GLY C 66 -5.55 -9.26 29.71
CA GLY C 66 -5.60 -9.58 31.12
C GLY C 66 -6.89 -9.09 31.75
N GLY C 67 -8.01 -9.43 31.14
CA GLY C 67 -9.30 -9.00 31.67
C GLY C 67 -9.58 -7.53 31.43
N PHE C 68 -9.19 -7.03 30.27
CA PHE C 68 -9.40 -5.63 29.90
C PHE C 68 -8.70 -4.65 30.83
N THR C 69 -7.53 -5.03 31.35
CA THR C 69 -6.80 -4.14 32.25
C THR C 69 -5.45 -3.65 31.77
N ARG C 70 -4.85 -4.33 30.80
CA ARG C 70 -3.54 -3.93 30.30
C ARG C 70 -3.56 -3.58 28.82
N LEU C 71 -2.97 -2.44 28.49
CA LEU C 71 -2.94 -1.97 27.11
C LEU C 71 -1.54 -1.76 26.54
N GLN C 72 -0.52 -2.08 27.33
CA GLN C 72 0.84 -1.94 26.83
C GLN C 72 1.85 -2.66 27.72
N GLU C 73 2.96 -3.06 27.11
CA GLU C 73 3.99 -3.73 27.87
C GLU C 73 4.90 -2.65 28.44
N ASN C 74 5.68 -3.01 29.46
CA ASN C 74 6.60 -2.07 30.06
C ASN C 74 7.96 -2.76 30.07
N PHE C 75 9.03 -1.99 30.16
CA PHE C 75 10.37 -2.56 30.17
C PHE C 75 11.09 -2.34 31.49
N ASN C 76 10.34 -2.48 32.58
CA ASN C 76 10.86 -2.32 33.92
C ASN C 76 11.43 -3.68 34.32
N TYR C 77 12.60 -3.97 33.77
CA TYR C 77 13.31 -5.23 33.99
C TYR C 77 14.56 -5.09 34.83
N SER C 78 14.80 -6.08 35.69
CA SER C 78 16.00 -6.12 36.51
C SER C 78 17.05 -6.77 35.62
N VAL C 79 18.30 -6.73 36.06
CA VAL C 79 19.39 -7.33 35.29
C VAL C 79 19.13 -8.83 35.05
N ASN C 80 18.81 -9.57 36.10
CA ASN C 80 18.55 -10.99 35.93
C ASN C 80 17.23 -11.26 35.20
N GLY C 81 16.27 -10.36 35.37
CA GLY C 81 14.99 -10.52 34.71
C GLY C 81 15.09 -10.47 33.19
N LEU C 82 16.23 -10.00 32.69
CA LEU C 82 16.46 -9.92 31.25
C LEU C 82 17.01 -11.23 30.68
N SER C 83 17.11 -12.24 31.53
CA SER C 83 17.61 -13.55 31.11
C SER C 83 16.84 -14.12 29.92
N GLY C 84 15.52 -13.93 29.92
CA GLY C 84 14.70 -14.42 28.83
C GLY C 84 15.12 -13.83 27.51
N PHE C 85 15.32 -12.51 27.48
CA PHE C 85 15.73 -11.83 26.27
C PHE C 85 17.13 -12.24 25.82
N ILE C 86 17.98 -12.60 26.78
CA ILE C 86 19.33 -13.04 26.44
C ILE C 86 19.21 -14.42 25.78
N ARG C 87 18.32 -15.25 26.31
CA ARG C 87 18.10 -16.59 25.77
C ARG C 87 17.55 -16.49 24.35
N ALA C 88 16.78 -15.44 24.08
CA ALA C 88 16.19 -15.22 22.77
C ALA C 88 17.14 -14.47 21.84
N GLY C 89 18.34 -14.17 22.34
CA GLY C 89 19.32 -13.46 21.55
C GLY C 89 18.99 -12.01 21.22
N ARG C 90 18.20 -11.36 22.07
CA ARG C 90 17.79 -9.97 21.82
C ARG C 90 18.66 -8.94 22.53
N ILE C 91 19.46 -9.39 23.50
CA ILE C 91 20.32 -8.48 24.25
C ILE C 91 21.49 -9.27 24.84
N THR C 92 22.62 -8.61 25.03
CA THR C 92 23.80 -9.29 25.58
C THR C 92 23.89 -9.17 27.09
N PRO C 93 24.64 -10.08 27.73
CA PRO C 93 24.80 -10.03 29.18
C PRO C 93 25.36 -8.67 29.61
N ASP C 94 26.30 -8.14 28.82
CA ASP C 94 26.91 -6.84 29.11
C ASP C 94 25.84 -5.73 29.12
N GLN C 95 25.00 -5.72 28.10
CA GLN C 95 23.97 -4.70 27.99
C GLN C 95 22.91 -4.84 29.08
N ALA C 96 22.57 -6.08 29.43
CA ALA C 96 21.58 -6.33 30.47
C ALA C 96 22.08 -5.78 31.81
N ASN C 97 23.37 -5.96 32.07
CA ASN C 97 23.96 -5.49 33.31
C ASN C 97 24.01 -3.96 33.35
N ALA C 98 24.31 -3.36 32.21
CA ALA C 98 24.39 -1.91 32.13
C ALA C 98 23.02 -1.24 32.29
N LEU C 99 22.00 -1.83 31.66
CA LEU C 99 20.65 -1.26 31.68
C LEU C 99 19.68 -1.74 32.75
N GLY C 100 19.71 -3.04 33.03
CA GLY C 100 18.80 -3.61 34.00
C GLY C 100 18.63 -2.88 35.32
N ARG C 101 17.47 -3.03 35.93
CA ARG C 101 17.17 -2.38 37.21
C ARG C 101 18.02 -3.04 38.29
N LYS C 102 18.58 -2.22 39.17
CA LYS C 102 19.43 -2.71 40.26
C LYS C 102 18.61 -2.88 41.55
N THR C 103 19.11 -3.69 42.48
CA THR C 103 18.41 -3.96 43.72
C THR C 103 17.98 -2.71 44.50
N TYR C 104 18.79 -1.66 44.47
CA TYR C 104 18.45 -0.45 45.20
C TYR C 104 17.45 0.44 44.49
N GLU C 105 17.09 0.08 43.26
CA GLU C 105 16.14 0.85 42.47
C GLU C 105 14.72 0.30 42.59
N LYS C 106 13.78 1.18 42.96
CA LYS C 106 12.38 0.81 43.12
C LYS C 106 11.78 0.41 41.77
N SER C 107 12.11 1.19 40.74
CA SER C 107 11.64 0.94 39.40
C SER C 107 12.72 1.43 38.44
N LEU C 108 12.71 0.93 37.21
CA LEU C 108 13.71 1.30 36.22
C LEU C 108 13.39 2.66 35.59
N PRO C 109 14.37 3.57 35.56
CA PRO C 109 14.17 4.89 34.96
C PRO C 109 13.74 4.74 33.49
N LEU C 110 12.95 5.68 32.99
CA LEU C 110 12.47 5.59 31.63
C LEU C 110 13.55 5.59 30.55
N GLU C 111 14.61 6.38 30.74
CA GLU C 111 15.66 6.43 29.75
C GLU C 111 16.30 5.04 29.52
N ARG C 112 16.35 4.23 30.57
CA ARG C 112 16.93 2.90 30.42
C ARG C 112 15.90 1.90 29.90
N GLN C 113 14.63 2.11 30.23
CA GLN C 113 13.59 1.22 29.73
C GLN C 113 13.60 1.37 28.20
N ARG C 114 13.72 2.60 27.72
CA ARG C 114 13.77 2.85 26.28
C ARG C 114 14.97 2.14 25.65
N ALA C 115 16.13 2.24 26.31
CA ALA C 115 17.36 1.61 25.83
C ALA C 115 17.19 0.11 25.66
N ILE C 116 16.52 -0.53 26.61
CA ILE C 116 16.30 -1.96 26.53
C ILE C 116 15.38 -2.28 25.35
N ALA C 117 14.28 -1.55 25.24
CA ALA C 117 13.34 -1.76 24.13
C ALA C 117 14.00 -1.51 22.78
N ASN C 118 14.83 -0.47 22.69
CA ASN C 118 15.49 -0.18 21.43
C ASN C 118 16.45 -1.29 21.02
N LEU C 119 16.97 -2.03 21.98
CA LEU C 119 17.88 -3.14 21.71
C LEU C 119 17.08 -4.39 21.36
N VAL C 120 16.17 -4.76 22.24
CA VAL C 120 15.35 -5.96 22.04
C VAL C 120 14.64 -6.00 20.69
N TYR C 121 14.03 -4.88 20.28
CA TYR C 121 13.32 -4.86 19.00
C TYR C 121 14.10 -4.23 17.86
N SER C 122 15.40 -4.04 18.04
CA SER C 122 16.23 -3.46 16.99
C SER C 122 16.23 -4.35 15.75
N LYS C 123 16.08 -3.73 14.58
CA LYS C 123 16.07 -4.45 13.32
C LYS C 123 15.03 -5.55 13.23
N ARG C 124 13.93 -5.39 13.95
CA ARG C 124 12.86 -6.38 13.92
C ARG C 124 11.55 -5.69 13.54
N MET C 125 10.66 -6.45 12.91
CA MET C 125 9.35 -5.96 12.50
C MET C 125 9.35 -4.58 11.84
N GLY C 126 10.34 -4.34 10.98
CA GLY C 126 10.41 -3.07 10.27
C GLY C 126 11.11 -1.92 10.98
N ASN C 127 11.45 -2.09 12.25
CA ASN C 127 12.13 -1.01 12.96
C ASN C 127 13.49 -0.76 12.31
N ASN C 128 13.68 0.45 11.79
CA ASN C 128 14.94 0.78 11.14
C ASN C 128 15.40 2.17 11.54
N GLY C 129 14.82 2.67 12.63
CA GLY C 129 15.15 3.99 13.15
C GLY C 129 15.64 3.87 14.58
N PRO C 130 16.44 4.84 15.06
CA PRO C 130 17.01 4.87 16.42
C PRO C 130 16.13 4.46 17.60
N GLY C 131 15.02 5.16 17.80
CA GLY C 131 14.14 4.84 18.92
C GLY C 131 12.88 4.07 18.56
N ASP C 132 12.90 3.40 17.40
CA ASP C 132 11.75 2.63 16.94
C ASP C 132 11.39 1.48 17.88
N GLY C 133 12.40 0.85 18.48
CA GLY C 133 12.15 -0.26 19.39
C GLY C 133 11.19 0.14 20.50
N TRP C 134 11.52 1.24 21.18
CA TRP C 134 10.69 1.73 22.27
C TRP C 134 9.41 2.40 21.77
N ASN C 135 9.51 3.23 20.75
CA ASN C 135 8.31 3.93 20.25
C ASN C 135 7.23 3.00 19.71
N TYR C 136 7.64 1.86 19.16
CA TYR C 136 6.67 0.90 18.63
C TYR C 136 6.57 -0.36 19.49
N ARG C 137 6.80 -0.19 20.79
CA ARG C 137 6.69 -1.31 21.72
C ARG C 137 5.24 -1.79 21.74
N GLY C 138 5.00 -2.96 22.32
CA GLY C 138 3.65 -3.51 22.36
C GLY C 138 2.58 -2.67 23.03
N ARG C 139 1.49 -2.42 22.30
CA ARG C 139 0.34 -1.64 22.81
C ARG C 139 -0.96 -2.20 22.23
N GLY C 140 -2.07 -1.94 22.93
CA GLY C 140 -3.38 -2.40 22.46
C GLY C 140 -3.97 -3.52 23.31
N LEU C 141 -5.22 -3.89 23.02
CA LEU C 141 -5.87 -4.99 23.75
C LEU C 141 -5.16 -6.24 23.24
N ILE C 142 -5.06 -6.35 21.91
CA ILE C 142 -4.33 -7.43 21.28
C ILE C 142 -3.05 -6.68 20.92
N GLN C 143 -1.95 -7.05 21.56
CA GLN C 143 -0.69 -6.37 21.36
C GLN C 143 -0.19 -6.20 19.94
N ILE C 144 0.06 -4.95 19.57
CA ILE C 144 0.59 -4.56 18.27
C ILE C 144 2.02 -4.09 18.53
N THR C 145 2.99 -4.63 17.79
CA THR C 145 4.39 -4.29 18.00
C THR C 145 5.19 -4.09 16.70
N GLY C 146 6.08 -3.10 16.71
CA GLY C 146 6.93 -2.84 15.55
C GLY C 146 6.38 -1.88 14.50
N LEU C 147 7.28 -1.10 13.91
CA LEU C 147 6.90 -0.13 12.89
C LEU C 147 5.98 -0.74 11.83
N ASN C 148 6.35 -1.91 11.32
CA ASN C 148 5.56 -2.58 10.29
C ASN C 148 4.10 -2.76 10.68
N ASN C 149 3.88 -3.17 11.92
CA ASN C 149 2.52 -3.45 12.37
C ASN C 149 1.72 -2.22 12.76
N TYR C 150 2.40 -1.19 13.23
CA TYR C 150 1.70 0.04 13.56
C TYR C 150 1.29 0.65 12.22
N ARG C 151 2.14 0.44 11.21
CA ARG C 151 1.87 0.99 9.88
C ARG C 151 0.67 0.31 9.24
N ASP C 152 0.63 -1.02 9.25
CA ASP C 152 -0.51 -1.72 8.66
C ASP C 152 -1.78 -1.44 9.45
N CYS C 153 -1.67 -1.46 10.79
CA CYS C 153 -2.85 -1.19 11.61
C CYS C 153 -3.33 0.23 11.34
N GLY C 154 -2.39 1.16 11.18
CA GLY C 154 -2.75 2.54 10.91
C GLY C 154 -3.53 2.67 9.62
N ASN C 155 -3.11 1.93 8.59
CA ASN C 155 -3.82 1.97 7.33
C ASN C 155 -5.19 1.32 7.47
N GLY C 156 -5.28 0.35 8.37
CA GLY C 156 -6.55 -0.31 8.58
C GLY C 156 -7.59 0.52 9.31
N LEU C 157 -7.12 1.51 10.08
CA LEU C 157 -7.99 2.37 10.87
C LEU C 157 -8.05 3.81 10.35
N LYS C 158 -7.15 4.12 9.42
CA LYS C 158 -7.00 5.45 8.86
C LYS C 158 -6.59 6.39 10.00
N VAL C 159 -5.60 5.92 10.76
CA VAL C 159 -5.02 6.65 11.88
C VAL C 159 -3.51 6.60 11.70
N ASP C 160 -2.84 7.74 11.81
CA ASP C 160 -1.38 7.75 11.63
C ASP C 160 -0.66 7.21 12.85
N LEU C 161 -0.66 5.89 13.00
CA LEU C 161 -0.01 5.25 14.14
C LEU C 161 1.51 5.26 13.99
N VAL C 162 2.00 5.60 12.79
CA VAL C 162 3.44 5.68 12.60
C VAL C 162 3.90 6.93 13.34
N ALA C 163 3.14 8.01 13.20
CA ALA C 163 3.47 9.27 13.86
C ALA C 163 3.01 9.32 15.31
N GLN C 164 1.90 8.66 15.63
CA GLN C 164 1.36 8.66 16.98
C GLN C 164 1.04 7.26 17.50
N PRO C 165 2.06 6.41 17.62
CA PRO C 165 1.83 5.04 18.11
C PRO C 165 1.18 4.98 19.49
N GLU C 166 1.45 5.98 20.32
CA GLU C 166 0.89 6.01 21.67
C GLU C 166 -0.64 5.97 21.69
N LEU C 167 -1.26 6.26 20.56
CA LEU C 167 -2.72 6.23 20.49
C LEU C 167 -3.27 4.84 20.81
N LEU C 168 -2.50 3.80 20.53
CA LEU C 168 -2.97 2.44 20.80
C LEU C 168 -3.08 2.13 22.29
N ALA C 169 -2.53 3.01 23.13
CA ALA C 169 -2.62 2.81 24.57
C ALA C 169 -3.87 3.49 25.11
N GLN C 170 -4.64 4.08 24.21
CA GLN C 170 -5.89 4.75 24.56
C GLN C 170 -7.05 3.80 24.23
N ASP C 171 -8.05 3.76 25.09
CA ASP C 171 -9.19 2.85 24.95
C ASP C 171 -9.86 2.75 23.58
N GLU C 172 -10.25 3.88 23.01
CA GLU C 172 -10.93 3.85 21.72
C GLU C 172 -10.12 3.18 20.61
N TYR C 173 -8.87 3.60 20.46
CA TYR C 173 -8.00 3.04 19.41
C TYR C 173 -7.58 1.60 19.73
N ALA C 174 -7.37 1.33 21.01
CA ALA C 174 -7.00 -0.03 21.41
C ALA C 174 -8.13 -0.95 20.97
N ALA C 175 -9.38 -0.50 21.16
CA ALA C 175 -10.54 -1.29 20.77
C ALA C 175 -10.66 -1.42 19.25
N ARG C 176 -10.53 -0.32 18.52
CA ARG C 176 -10.63 -0.41 17.07
C ARG C 176 -9.55 -1.28 16.47
N SER C 177 -8.32 -1.14 16.97
CA SER C 177 -7.23 -1.94 16.43
C SER C 177 -7.48 -3.43 16.64
N ALA C 178 -8.06 -3.79 17.80
CA ALA C 178 -8.35 -5.19 18.07
C ALA C 178 -9.43 -5.69 17.11
N ALA C 179 -10.46 -4.86 16.90
CA ALA C 179 -11.56 -5.25 16.02
C ALA C 179 -11.01 -5.40 14.60
N TRP C 180 -10.15 -4.46 14.20
CA TRP C 180 -9.54 -4.51 12.87
C TRP C 180 -8.72 -5.78 12.74
N PHE C 181 -7.93 -6.08 13.77
CA PHE C 181 -7.09 -7.29 13.77
C PHE C 181 -7.96 -8.54 13.59
N PHE C 182 -8.98 -8.64 14.43
CA PHE C 182 -9.92 -9.78 14.42
C PHE C 182 -10.52 -10.00 13.05
N SER C 183 -11.00 -8.92 12.44
CA SER C 183 -11.63 -9.00 11.13
C SER C 183 -10.66 -9.19 9.97
N SER C 184 -9.62 -8.37 9.92
CA SER C 184 -8.64 -8.45 8.84
C SER C 184 -7.92 -9.80 8.76
N LYS C 185 -7.57 -10.36 9.91
CA LYS C 185 -6.86 -11.63 9.92
C LYS C 185 -7.74 -12.86 9.69
N GLY C 186 -9.03 -12.63 9.44
CA GLY C 186 -9.95 -13.71 9.14
C GLY C 186 -10.57 -14.51 10.26
N CYS C 187 -10.63 -13.96 11.47
CA CYS C 187 -11.22 -14.68 12.58
C CYS C 187 -12.70 -15.00 12.40
N MET C 188 -13.42 -14.18 11.62
CA MET C 188 -14.84 -14.45 11.41
C MET C 188 -15.05 -15.53 10.34
N LYS C 189 -13.95 -16.00 9.75
CA LYS C 189 -14.05 -17.06 8.76
C LYS C 189 -14.03 -18.41 9.46
N TYR C 190 -13.76 -18.38 10.76
CA TYR C 190 -13.71 -19.60 11.57
C TYR C 190 -14.56 -19.47 12.82
N THR C 191 -15.79 -19.01 12.63
CA THR C 191 -16.73 -18.82 13.73
C THR C 191 -16.91 -20.10 14.54
N GLY C 192 -16.72 -20.00 15.85
CA GLY C 192 -16.89 -21.16 16.69
C GLY C 192 -15.68 -22.09 16.78
N ASP C 193 -14.67 -21.83 15.96
CA ASP C 193 -13.46 -22.65 15.97
C ASP C 193 -12.39 -22.05 16.87
N LEU C 194 -12.43 -22.40 18.15
CA LEU C 194 -11.49 -21.88 19.14
C LEU C 194 -10.02 -22.05 18.79
N VAL C 195 -9.63 -23.23 18.32
CA VAL C 195 -8.23 -23.48 17.99
C VAL C 195 -7.72 -22.65 16.82
N ARG C 196 -8.50 -22.61 15.72
CA ARG C 196 -8.11 -21.85 14.54
C ARG C 196 -7.95 -20.36 14.86
N VAL C 197 -8.96 -19.79 15.51
CA VAL C 197 -8.93 -18.38 15.87
C VAL C 197 -7.75 -18.07 16.78
N THR C 198 -7.53 -18.90 17.79
CA THR C 198 -6.42 -18.70 18.71
C THR C 198 -5.09 -18.70 17.96
N GLN C 199 -4.95 -19.58 16.98
CA GLN C 199 -3.72 -19.67 16.19
C GLN C 199 -3.49 -18.36 15.44
N ILE C 200 -4.56 -17.78 14.93
CA ILE C 200 -4.49 -16.53 14.19
C ILE C 200 -4.07 -15.37 15.09
N ILE C 201 -4.66 -15.33 16.28
CA ILE C 201 -4.38 -14.26 17.23
C ILE C 201 -3.04 -14.38 17.95
N ASN C 202 -2.72 -15.58 18.42
CA ASN C 202 -1.50 -15.83 19.17
C ASN C 202 -0.34 -16.36 18.35
N GLY C 203 -0.62 -16.88 17.16
CA GLY C 203 0.44 -17.45 16.35
C GLY C 203 0.88 -18.73 17.00
N GLY C 204 0.04 -19.20 17.94
CA GLY C 204 0.30 -20.42 18.68
C GLY C 204 -0.93 -20.78 19.48
N GLN C 205 -0.77 -21.65 20.49
CA GLN C 205 -1.90 -22.07 21.32
C GLN C 205 -1.73 -21.73 22.79
N ASN C 206 -0.96 -20.69 23.08
CA ASN C 206 -0.74 -20.29 24.47
C ASN C 206 -2.02 -19.78 25.10
N GLY C 207 -2.30 -20.24 26.32
CA GLY C 207 -3.49 -19.82 27.04
C GLY C 207 -4.81 -20.32 26.48
N ILE C 208 -4.74 -21.41 25.72
CA ILE C 208 -5.94 -21.98 25.11
C ILE C 208 -7.02 -22.33 26.13
N ASP C 209 -6.61 -22.84 27.29
CA ASP C 209 -7.59 -23.21 28.32
C ASP C 209 -8.37 -22.00 28.79
N ASP C 210 -7.68 -20.90 29.06
CA ASP C 210 -8.35 -19.69 29.52
C ASP C 210 -9.22 -19.10 28.42
N ARG C 211 -8.72 -19.12 27.19
CA ARG C 211 -9.48 -18.61 26.05
C ARG C 211 -10.77 -19.42 25.94
N ARG C 212 -10.67 -20.72 26.22
CA ARG C 212 -11.81 -21.62 26.16
C ARG C 212 -12.86 -21.24 27.20
N THR C 213 -12.40 -20.98 28.42
CA THR C 213 -13.27 -20.60 29.52
C THR C 213 -14.00 -19.28 29.21
N ARG C 214 -13.25 -18.30 28.72
CA ARG C 214 -13.81 -17.01 28.39
C ARG C 214 -14.81 -17.10 27.24
N TYR C 215 -14.50 -17.94 26.25
CA TYR C 215 -15.38 -18.12 25.10
C TYR C 215 -16.69 -18.79 25.48
N ALA C 216 -16.62 -19.82 26.30
CA ALA C 216 -17.80 -20.54 26.73
C ALA C 216 -18.72 -19.57 27.47
N ALA C 217 -18.12 -18.77 28.36
CA ALA C 217 -18.86 -17.80 29.15
C ALA C 217 -19.55 -16.73 28.30
N ALA C 218 -18.81 -16.16 27.34
CA ALA C 218 -19.38 -15.14 26.47
C ALA C 218 -20.48 -15.72 25.58
N ARG C 219 -20.21 -16.89 25.00
CA ARG C 219 -21.18 -17.56 24.14
C ARG C 219 -22.48 -17.86 24.89
N LYS C 220 -22.33 -18.32 26.13
CA LYS C 220 -23.48 -18.63 26.98
C LYS C 220 -24.38 -17.40 27.14
N VAL C 221 -23.75 -16.24 27.30
CA VAL C 221 -24.47 -14.98 27.48
C VAL C 221 -25.06 -14.43 26.18
N LEU C 222 -24.23 -14.32 25.15
CA LEU C 222 -24.64 -13.74 23.87
C LEU C 222 -25.35 -14.68 22.89
N ALA C 223 -24.89 -15.93 22.82
CA ALA C 223 -25.47 -16.89 21.90
C ALA C 223 -26.69 -17.60 22.52
#